data_8V1O
#
_entry.id   8V1O
#
_cell.length_a   142.850
_cell.length_b   140.490
_cell.length_c   87.940
_cell.angle_alpha   90.00
_cell.angle_beta   123.73
_cell.angle_gamma   90.00
#
_symmetry.space_group_name_H-M   'C 1 2 1'
#
loop_
_entity.id
_entity.type
_entity.pdbx_description
1 polymer 'Interleukin-1 receptor-associated kinase 4'
2 non-polymer N-[2-(3-hydroxy-3-methylbutyl)-6-(2-hydroxypropan-2-yl)-2H-indazol-5-yl]-6-(trifluoromethyl)pyridine-2-carboxamide
3 non-polymer GLYCEROL
4 non-polymer 'SULFATE ION'
5 non-polymer 'CHLORIDE ION'
6 water water
#
_entity_poly.entity_id   1
_entity_poly.type   'polypeptide(L)'
_entity_poly.pdbx_seq_one_letter_code
;MSYYHHHHHHDYDIPTTENLYFQSIAVSDTRFHSFSFYELKNVTNNFDERPISVGGNKMGEGGFGVVYKGYVNNTTVAVK
KLAAMVDITTEELKQQFDQEIKVMAKCQHENLVELLGFSSDGDDLCLVYVYMPNGSLLDRLSCLDGTPPLSWHMRCKIAQ
GAANGINFLHENHHIHRDIKSANILLDEAFTAKISDFGLARASEKFAQ(TPO)VM(TPO)(SEP)RIVGTTAYMAPEALR
GEITPKSDIYSFGVVLLEIITGLPAVDEHREPQLLLDIKEEIEDEEKTIEDYIDKKMNDADSTSVEAMYSVASQCLHEKK
NKRPDIKKVQQLLQEMTAS
;
_entity_poly.pdbx_strand_id   A,B,C,D
#
loop_
_chem_comp.id
_chem_comp.type
_chem_comp.name
_chem_comp.formula
CL non-polymer 'CHLORIDE ION' 'Cl -1'
GOL non-polymer GLYCEROL 'C3 H8 O3'
SO4 non-polymer 'SULFATE ION' 'O4 S -2'
Y9T non-polymer N-[2-(3-hydroxy-3-methylbutyl)-6-(2-hydroxypropan-2-yl)-2H-indazol-5-yl]-6-(trifluoromethyl)pyridine-2-carboxamide 'C22 H25 F3 N4 O3'
#
# COMPACT_ATOMS: atom_id res chain seq x y z
N THR A 30 7.50 16.56 -47.14
CA THR A 30 8.06 17.74 -46.41
C THR A 30 9.60 17.71 -46.45
N ARG A 31 10.22 18.84 -46.14
CA ARG A 31 11.61 18.92 -45.65
C ARG A 31 11.66 19.92 -44.50
N PHE A 32 12.80 19.95 -43.82
CA PHE A 32 12.96 20.68 -42.55
C PHE A 32 14.26 21.50 -42.61
N HIS A 33 14.23 22.72 -42.07
CA HIS A 33 15.42 23.57 -41.88
C HIS A 33 16.51 22.74 -41.20
N SER A 34 17.73 22.79 -41.72
CA SER A 34 18.93 22.17 -41.11
C SER A 34 19.64 23.24 -40.28
N PHE A 35 19.49 23.19 -38.95
CA PHE A 35 20.01 24.19 -37.99
C PHE A 35 21.45 23.81 -37.60
N SER A 36 22.32 24.82 -37.52
CA SER A 36 23.63 24.73 -36.83
C SER A 36 23.37 24.48 -35.33
N PHE A 37 24.16 23.63 -34.69
CA PHE A 37 24.08 23.40 -33.22
C PHE A 37 24.17 24.75 -32.48
N TYR A 38 25.02 25.66 -32.97
CA TYR A 38 25.22 27.00 -32.37
C TYR A 38 23.93 27.82 -32.48
N GLU A 39 23.19 27.71 -33.58
CA GLU A 39 21.89 28.42 -33.76
C GLU A 39 20.96 28.00 -32.61
N LEU A 40 20.82 26.70 -32.36
CA LEU A 40 19.87 26.15 -31.37
C LEU A 40 20.35 26.44 -29.95
N LYS A 41 21.68 26.52 -29.75
CA LYS A 41 22.29 27.01 -28.48
C LYS A 41 21.82 28.45 -28.27
N ASN A 42 21.84 29.26 -29.32
CA ASN A 42 21.50 30.71 -29.28
C ASN A 42 20.02 30.87 -28.91
N VAL A 43 19.11 30.14 -29.58
CA VAL A 43 17.64 30.36 -29.42
C VAL A 43 17.14 29.80 -28.08
N THR A 44 17.90 28.89 -27.45
CA THR A 44 17.54 28.25 -26.15
C THR A 44 18.43 28.80 -25.03
N ASN A 45 19.15 29.90 -25.27
CA ASN A 45 19.97 30.60 -24.24
C ASN A 45 21.05 29.65 -23.71
N ASN A 46 21.78 29.01 -24.62
CA ASN A 46 22.78 27.93 -24.34
C ASN A 46 22.12 26.82 -23.51
N PHE A 47 20.95 26.36 -23.95
CA PHE A 47 20.17 25.24 -23.35
C PHE A 47 20.03 25.44 -21.84
N ASP A 48 19.64 26.65 -21.43
CA ASP A 48 19.44 27.08 -20.02
C ASP A 48 18.58 26.05 -19.28
N GLU A 49 19.06 25.60 -18.12
CA GLU A 49 18.47 24.45 -17.38
C GLU A 49 17.45 24.91 -16.32
N ARG A 50 17.23 26.21 -16.13
CA ARG A 50 16.19 26.70 -15.19
C ARG A 50 14.82 26.42 -15.78
N PRO A 51 13.79 26.15 -14.95
CA PRO A 51 12.44 25.93 -15.48
C PRO A 51 11.92 27.19 -16.19
N ILE A 52 10.95 26.99 -17.09
CA ILE A 52 10.16 28.04 -17.82
C ILE A 52 9.42 28.89 -16.80
N SER A 53 8.90 28.27 -15.74
CA SER A 53 8.06 28.91 -14.67
C SER A 53 8.87 29.99 -13.94
N VAL A 54 10.22 29.89 -13.91
CA VAL A 54 11.14 30.91 -13.30
C VAL A 54 12.00 31.53 -14.41
N GLY A 55 11.38 31.78 -15.57
CA GLY A 55 11.97 32.47 -16.73
C GLY A 55 13.19 31.75 -17.34
N GLY A 56 13.27 30.43 -17.20
CA GLY A 56 14.35 29.61 -17.83
C GLY A 56 13.95 29.11 -19.20
N ASN A 57 14.62 28.06 -19.71
CA ASN A 57 14.29 27.46 -21.03
C ASN A 57 13.96 25.97 -20.89
N LYS A 58 14.34 25.28 -19.81
CA LYS A 58 13.99 23.85 -19.62
C LYS A 58 12.49 23.73 -19.39
N MET A 59 11.80 22.94 -20.21
CA MET A 59 10.32 22.73 -20.15
C MET A 59 10.01 21.38 -19.49
N GLY A 60 10.76 20.33 -19.82
CA GLY A 60 10.62 19.01 -19.18
C GLY A 60 11.47 17.97 -19.87
N GLU A 61 11.05 16.69 -19.82
CA GLU A 61 11.76 15.57 -20.47
C GLU A 61 10.81 14.82 -21.42
N GLY A 62 11.30 14.51 -22.62
CA GLY A 62 10.53 13.82 -23.68
C GLY A 62 11.33 12.66 -24.27
N GLY A 63 11.21 11.47 -23.69
CA GLY A 63 11.93 10.25 -24.13
C GLY A 63 13.36 10.22 -23.62
N PHE A 64 14.35 10.23 -24.52
CA PHE A 64 15.80 10.05 -24.23
C PHE A 64 16.52 11.41 -24.33
N GLY A 65 15.80 12.49 -24.03
CA GLY A 65 16.27 13.87 -24.26
C GLY A 65 15.62 14.85 -23.32
N VAL A 66 16.21 16.04 -23.21
CA VAL A 66 15.64 17.21 -22.49
C VAL A 66 15.22 18.21 -23.56
N VAL A 67 14.14 18.95 -23.30
CA VAL A 67 13.45 19.81 -24.30
C VAL A 67 13.39 21.24 -23.75
N TYR A 68 13.84 22.20 -24.56
CA TYR A 68 13.98 23.61 -24.19
C TYR A 68 13.06 24.45 -25.08
N LYS A 69 12.48 25.51 -24.50
CA LYS A 69 11.76 26.59 -25.21
C LYS A 69 12.79 27.51 -25.90
N GLY A 70 12.43 28.02 -27.08
CA GLY A 70 13.28 28.88 -27.91
C GLY A 70 12.43 29.76 -28.81
N TYR A 71 13.07 30.78 -29.39
CA TYR A 71 12.50 31.70 -30.41
C TYR A 71 13.42 31.72 -31.63
N VAL A 72 12.88 31.32 -32.78
CA VAL A 72 13.47 31.62 -34.12
C VAL A 72 12.57 32.62 -34.83
N ASN A 73 13.04 33.87 -35.00
CA ASN A 73 12.32 34.94 -35.73
C ASN A 73 10.84 34.98 -35.33
N ASN A 74 10.56 35.22 -34.03
CA ASN A 74 9.17 35.41 -33.54
C ASN A 74 8.36 34.11 -33.47
N THR A 75 8.87 32.99 -34.00
CA THR A 75 8.26 31.63 -33.86
C THR A 75 8.73 30.96 -32.57
N THR A 76 7.81 30.65 -31.66
CA THR A 76 8.12 29.90 -30.41
C THR A 76 8.28 28.44 -30.82
N VAL A 77 9.31 27.79 -30.32
CA VAL A 77 9.65 26.39 -30.70
C VAL A 77 9.99 25.62 -29.43
N ALA A 78 9.85 24.31 -29.51
CA ALA A 78 10.45 23.31 -28.62
C ALA A 78 11.72 22.80 -29.30
N VAL A 79 12.87 22.97 -28.67
CA VAL A 79 14.14 22.29 -29.07
C VAL A 79 14.33 21.12 -28.12
N LYS A 80 14.30 19.89 -28.64
CA LYS A 80 14.55 18.63 -27.89
C LYS A 80 15.98 18.21 -28.20
N LYS A 81 16.87 18.28 -27.20
CA LYS A 81 18.31 17.88 -27.31
C LYS A 81 18.47 16.48 -26.73
N LEU A 82 18.92 15.51 -27.53
CA LEU A 82 18.97 14.06 -27.17
C LEU A 82 20.25 13.73 -26.42
N ALA A 83 20.11 13.04 -25.27
CA ALA A 83 21.16 12.34 -24.51
C ALA A 83 20.82 10.84 -24.48
N ILE A 88 22.16 3.98 -23.02
CA ILE A 88 21.72 3.80 -24.44
C ILE A 88 22.88 4.18 -25.39
N THR A 89 23.05 3.42 -26.48
CA THR A 89 24.16 3.58 -27.47
C THR A 89 23.93 4.85 -28.31
N THR A 90 24.99 5.40 -28.92
CA THR A 90 24.93 6.49 -29.92
C THR A 90 24.13 6.03 -31.14
N GLU A 91 24.41 4.82 -31.64
CA GLU A 91 23.80 4.25 -32.87
C GLU A 91 22.31 3.98 -32.64
N GLU A 92 21.91 3.76 -31.37
CA GLU A 92 20.49 3.56 -30.95
C GLU A 92 19.78 4.93 -30.96
N LEU A 93 20.39 5.92 -30.30
CA LEU A 93 19.94 7.34 -30.24
C LEU A 93 19.84 7.91 -31.65
N LYS A 94 20.89 7.71 -32.47
CA LYS A 94 20.96 8.19 -33.89
C LYS A 94 19.82 7.55 -34.69
N GLN A 95 19.43 6.31 -34.36
CA GLN A 95 18.35 5.56 -35.08
C GLN A 95 16.99 6.21 -34.80
N GLN A 96 16.71 6.56 -33.54
CA GLN A 96 15.44 7.16 -33.07
C GLN A 96 15.27 8.59 -33.61
N PHE A 97 16.33 9.38 -33.60
CA PHE A 97 16.42 10.71 -34.25
C PHE A 97 16.04 10.54 -35.72
N ASP A 98 16.71 9.62 -36.42
CA ASP A 98 16.50 9.34 -37.86
C ASP A 98 15.08 8.82 -38.08
N GLN A 99 14.55 8.02 -37.15
CA GLN A 99 13.18 7.47 -37.25
C GLN A 99 12.18 8.62 -37.14
N GLU A 100 12.34 9.49 -36.14
CA GLU A 100 11.46 10.66 -35.87
C GLU A 100 11.36 11.52 -37.13
N ILE A 101 12.50 11.81 -37.77
CA ILE A 101 12.57 12.62 -39.03
C ILE A 101 11.83 11.86 -40.14
N LYS A 102 12.05 10.55 -40.26
CA LYS A 102 11.40 9.70 -41.30
C LYS A 102 9.88 9.76 -41.11
N VAL A 103 9.39 9.65 -39.88
CA VAL A 103 7.92 9.57 -39.57
C VAL A 103 7.28 10.92 -39.82
N MET A 104 7.96 12.01 -39.43
CA MET A 104 7.49 13.43 -39.55
C MET A 104 7.54 13.90 -41.01
N ALA A 105 8.41 13.30 -41.83
CA ALA A 105 8.51 13.53 -43.27
C ALA A 105 7.22 13.06 -43.92
N LYS A 106 6.81 11.83 -43.61
CA LYS A 106 5.59 11.16 -44.19
C LYS A 106 4.33 11.79 -43.58
N CYS A 107 4.25 11.89 -42.25
CA CYS A 107 2.98 12.08 -41.49
C CYS A 107 2.79 13.54 -41.07
N GLN A 108 1.81 14.23 -41.66
CA GLN A 108 1.39 15.62 -41.29
C GLN A 108 -0.13 15.65 -41.07
N HIS A 109 -0.54 15.93 -39.82
CA HIS A 109 -1.97 15.92 -39.39
C HIS A 109 -2.12 16.86 -38.20
N GLU A 110 -3.29 17.50 -38.08
CA GLU A 110 -3.60 18.49 -37.02
C GLU A 110 -3.61 17.83 -35.63
N ASN A 111 -3.44 16.51 -35.55
CA ASN A 111 -3.40 15.78 -34.25
C ASN A 111 -2.05 15.09 -34.12
N LEU A 112 -1.03 15.61 -34.82
CA LEU A 112 0.38 15.20 -34.64
C LEU A 112 1.19 16.46 -34.43
N VAL A 113 2.17 16.43 -33.54
CA VAL A 113 3.14 17.57 -33.38
C VAL A 113 3.86 17.76 -34.71
N GLU A 114 4.47 18.92 -34.92
CA GLU A 114 5.03 19.29 -36.24
C GLU A 114 6.51 19.66 -36.08
N LEU A 115 7.37 18.89 -36.73
CA LEU A 115 8.83 19.13 -36.77
C LEU A 115 9.09 20.32 -37.69
N LEU A 116 9.94 21.25 -37.26
CA LEU A 116 10.41 22.39 -38.10
C LEU A 116 11.79 22.07 -38.64
N GLY A 117 12.67 21.44 -37.85
CA GLY A 117 14.05 21.16 -38.25
C GLY A 117 14.76 20.24 -37.29
N PHE A 118 16.09 20.22 -37.40
CA PHE A 118 16.98 19.32 -36.64
C PHE A 118 18.43 19.84 -36.73
N SER A 119 19.33 19.19 -35.99
CA SER A 119 20.77 19.52 -35.91
C SER A 119 21.56 18.24 -35.62
N SER A 120 22.39 17.80 -36.58
CA SER A 120 23.36 16.66 -36.48
C SER A 120 24.79 17.18 -36.34
N ASP A 121 25.13 18.30 -37.00
CA ASP A 121 26.51 18.83 -37.16
C ASP A 121 27.23 18.86 -35.80
N GLY A 122 26.65 19.49 -34.78
CA GLY A 122 27.25 19.68 -33.45
C GLY A 122 27.38 18.39 -32.65
N ASP A 123 27.71 18.55 -31.36
CA ASP A 123 27.88 17.44 -30.39
C ASP A 123 26.57 16.66 -30.27
N ASP A 124 25.52 17.35 -29.83
CA ASP A 124 24.20 16.77 -29.50
C ASP A 124 23.30 16.84 -30.73
N LEU A 125 22.47 15.80 -30.89
CA LEU A 125 21.36 15.73 -31.87
C LEU A 125 20.17 16.49 -31.29
N CYS A 126 19.59 17.43 -32.05
CA CYS A 126 18.48 18.33 -31.62
C CYS A 126 17.33 18.24 -32.63
N LEU A 127 16.09 18.16 -32.13
CA LEU A 127 14.88 18.23 -32.98
C LEU A 127 14.13 19.51 -32.62
N VAL A 128 13.72 20.29 -33.63
CA VAL A 128 13.02 21.60 -33.42
C VAL A 128 11.58 21.45 -33.90
N TYR A 129 10.64 21.62 -32.99
CA TYR A 129 9.17 21.50 -33.25
C TYR A 129 8.49 22.85 -33.02
N VAL A 130 7.27 23.00 -33.56
CA VAL A 130 6.30 24.05 -33.16
C VAL A 130 5.97 23.82 -31.68
N TYR A 131 5.99 24.89 -30.91
CA TYR A 131 5.71 24.91 -29.46
C TYR A 131 4.26 24.54 -29.22
N MET A 132 4.02 23.81 -28.13
CA MET A 132 2.66 23.41 -27.66
C MET A 132 2.41 24.13 -26.35
N PRO A 133 1.76 25.30 -26.39
CA PRO A 133 1.70 26.19 -25.22
C PRO A 133 1.01 25.66 -23.94
N ASN A 134 0.22 24.58 -24.04
CA ASN A 134 -0.43 23.89 -22.89
C ASN A 134 0.28 22.55 -22.57
N GLY A 135 1.53 22.36 -23.04
CA GLY A 135 2.36 21.16 -22.77
C GLY A 135 1.60 19.84 -22.89
N SER A 136 1.93 18.87 -22.04
CA SER A 136 1.48 17.46 -22.15
C SER A 136 0.13 17.24 -21.45
N LEU A 137 -0.62 16.22 -21.84
CA LEU A 137 -1.90 15.85 -21.18
C LEU A 137 -1.59 15.36 -19.75
N LEU A 138 -0.45 14.71 -19.57
CA LEU A 138 -0.05 14.24 -18.21
C LEU A 138 -0.09 15.45 -17.29
N ASP A 139 0.69 16.48 -17.65
CA ASP A 139 0.90 17.68 -16.81
C ASP A 139 -0.46 18.34 -16.54
N ARG A 140 -1.34 18.48 -17.54
CA ARG A 140 -2.64 19.18 -17.34
C ARG A 140 -3.56 18.28 -16.52
N LEU A 141 -3.58 16.96 -16.75
CA LEU A 141 -4.49 16.08 -15.98
C LEU A 141 -4.15 16.22 -14.48
N SER A 142 -2.87 16.52 -14.20
CA SER A 142 -2.25 16.57 -12.86
C SER A 142 -2.20 18.03 -12.34
N CYS A 143 -2.63 18.98 -13.17
CA CYS A 143 -2.66 20.44 -12.87
C CYS A 143 -1.27 20.90 -12.40
N LEU A 144 -0.19 20.42 -13.07
CA LEU A 144 1.21 20.82 -12.82
C LEU A 144 1.35 22.34 -13.01
N ASP A 145 2.15 23.02 -12.17
CA ASP A 145 2.49 24.48 -12.26
C ASP A 145 1.24 25.38 -12.17
N GLY A 146 0.18 24.89 -11.50
CA GLY A 146 -0.99 25.69 -11.10
C GLY A 146 -1.97 25.91 -12.24
N THR A 147 -1.94 25.08 -13.27
CA THR A 147 -2.93 25.20 -14.37
C THR A 147 -4.25 24.64 -13.85
N PRO A 148 -5.40 25.18 -14.31
CA PRO A 148 -6.71 24.76 -13.83
C PRO A 148 -7.08 23.39 -14.39
N PRO A 149 -7.96 22.63 -13.71
CA PRO A 149 -8.23 21.27 -14.15
C PRO A 149 -8.98 21.32 -15.47
N LEU A 150 -8.65 20.46 -16.43
CA LEU A 150 -9.44 20.35 -17.68
C LEU A 150 -10.91 20.00 -17.36
N SER A 151 -11.85 20.61 -18.07
CA SER A 151 -13.29 20.29 -17.93
C SER A 151 -13.53 18.96 -18.63
N TRP A 152 -14.70 18.35 -18.37
CA TRP A 152 -15.18 17.12 -19.07
C TRP A 152 -15.32 17.40 -20.56
N HIS A 153 -15.85 18.57 -20.91
CA HIS A 153 -16.07 19.00 -22.29
C HIS A 153 -14.73 19.00 -23.02
N MET A 154 -13.69 19.60 -22.42
CA MET A 154 -12.32 19.68 -23.00
C MET A 154 -11.71 18.27 -23.13
N ARG A 155 -11.91 17.44 -22.13
CA ARG A 155 -11.36 16.06 -22.13
C ARG A 155 -11.91 15.31 -23.37
N CYS A 156 -13.22 15.38 -23.62
CA CYS A 156 -13.90 14.71 -24.74
C CYS A 156 -13.23 15.09 -26.07
N LYS A 157 -12.92 16.38 -26.24
CA LYS A 157 -12.27 16.88 -27.49
C LYS A 157 -10.84 16.35 -27.55
N ILE A 158 -10.14 16.25 -26.42
CA ILE A 158 -8.73 15.80 -26.41
C ILE A 158 -8.70 14.32 -26.83
N ALA A 159 -9.61 13.52 -26.27
CA ALA A 159 -9.81 12.10 -26.60
C ALA A 159 -10.08 11.92 -28.11
N GLN A 160 -11.14 12.55 -28.63
CA GLN A 160 -11.49 12.47 -30.08
C GLN A 160 -10.24 12.85 -30.89
N GLY A 161 -9.55 13.91 -30.47
CA GLY A 161 -8.35 14.44 -31.15
C GLY A 161 -7.18 13.47 -31.17
N ALA A 162 -6.77 12.95 -30.01
CA ALA A 162 -5.70 11.91 -29.89
C ALA A 162 -6.03 10.66 -30.74
N ALA A 163 -7.29 10.22 -30.75
CA ALA A 163 -7.78 9.07 -31.53
C ALA A 163 -7.68 9.39 -33.03
N ASN A 164 -7.98 10.63 -33.42
CA ASN A 164 -7.81 11.11 -34.82
C ASN A 164 -6.31 11.04 -35.16
N GLY A 165 -5.45 11.30 -34.17
CA GLY A 165 -3.98 11.21 -34.34
C GLY A 165 -3.53 9.78 -34.55
N ILE A 166 -3.92 8.88 -33.67
CA ILE A 166 -3.52 7.45 -33.77
C ILE A 166 -4.04 6.92 -35.11
N ASN A 167 -5.23 7.37 -35.53
CA ASN A 167 -5.86 6.85 -36.76
C ASN A 167 -4.98 7.18 -37.95
N PHE A 168 -4.50 8.42 -38.03
CA PHE A 168 -3.68 8.89 -39.17
C PHE A 168 -2.40 8.03 -39.23
N LEU A 169 -1.78 7.79 -38.08
CA LEU A 169 -0.53 7.00 -37.96
C LEU A 169 -0.79 5.55 -38.41
N HIS A 170 -1.95 4.97 -38.07
CA HIS A 170 -2.33 3.58 -38.43
C HIS A 170 -2.70 3.53 -39.92
N GLU A 171 -3.42 4.56 -40.41
CA GLU A 171 -3.80 4.66 -41.84
C GLU A 171 -2.52 4.72 -42.68
N ASN A 172 -1.51 5.46 -42.21
CA ASN A 172 -0.20 5.65 -42.88
C ASN A 172 0.79 4.62 -42.35
N HIS A 173 0.27 3.47 -41.91
CA HIS A 173 1.01 2.21 -41.67
C HIS A 173 2.18 2.45 -40.73
N HIS A 174 1.92 3.08 -39.57
CA HIS A 174 2.89 3.33 -38.48
C HIS A 174 2.28 2.81 -37.16
N ILE A 175 3.11 2.21 -36.30
CA ILE A 175 2.75 1.83 -34.90
C ILE A 175 3.59 2.73 -33.99
N HIS A 176 2.93 3.52 -33.15
CA HIS A 176 3.59 4.51 -32.26
C HIS A 176 4.53 3.74 -31.32
N ARG A 177 3.96 2.82 -30.55
CA ARG A 177 4.64 1.95 -29.54
C ARG A 177 4.90 2.72 -28.23
N ASP A 178 4.42 3.95 -28.06
CA ASP A 178 4.51 4.67 -26.76
C ASP A 178 3.39 5.69 -26.61
N ILE A 179 2.16 5.32 -27.01
CA ILE A 179 0.90 6.03 -26.64
C ILE A 179 0.82 6.06 -25.12
N LYS A 180 0.84 7.27 -24.57
CA LYS A 180 0.64 7.58 -23.13
C LYS A 180 0.38 9.07 -23.02
N SER A 181 -0.23 9.51 -21.92
CA SER A 181 -0.61 10.93 -21.73
C SER A 181 0.64 11.82 -21.76
N ALA A 182 1.82 11.33 -21.40
CA ALA A 182 3.07 12.14 -21.47
C ALA A 182 3.37 12.51 -22.93
N ASN A 183 2.84 11.73 -23.90
CA ASN A 183 3.15 11.92 -25.35
C ASN A 183 1.96 12.49 -26.14
N ILE A 184 0.84 12.85 -25.48
CA ILE A 184 -0.24 13.67 -26.10
C ILE A 184 -0.06 15.13 -25.65
N LEU A 185 0.47 15.99 -26.52
CA LEU A 185 0.70 17.43 -26.22
C LEU A 185 -0.55 18.21 -26.60
N LEU A 186 -0.67 19.42 -26.09
CA LEU A 186 -1.89 20.24 -26.17
C LEU A 186 -1.51 21.66 -26.60
N ASP A 187 -2.10 22.16 -27.69
CA ASP A 187 -1.73 23.46 -28.26
C ASP A 187 -2.54 24.55 -27.53
N GLU A 188 -2.55 25.76 -28.08
CA GLU A 188 -3.17 26.96 -27.44
C GLU A 188 -4.69 26.73 -27.25
N ALA A 189 -5.31 25.87 -28.09
CA ALA A 189 -6.78 25.62 -28.13
C ALA A 189 -7.06 24.20 -27.61
N PHE A 190 -6.11 23.63 -26.87
CA PHE A 190 -6.20 22.30 -26.24
C PHE A 190 -6.44 21.21 -27.29
N THR A 191 -6.01 21.46 -28.54
CA THR A 191 -5.98 20.42 -29.61
C THR A 191 -4.97 19.33 -29.21
N ALA A 192 -5.37 18.06 -29.24
CA ALA A 192 -4.49 16.91 -28.88
C ALA A 192 -3.52 16.64 -30.02
N LYS A 193 -2.23 16.52 -29.72
CA LYS A 193 -1.15 16.30 -30.71
C LYS A 193 -0.30 15.13 -30.21
N ILE A 194 -0.34 13.99 -30.90
CA ILE A 194 0.55 12.83 -30.60
C ILE A 194 1.98 13.27 -30.95
N SER A 195 2.96 12.86 -30.14
CA SER A 195 4.39 13.23 -30.28
C SER A 195 5.26 12.02 -29.96
N ASP A 196 6.56 12.11 -30.26
CA ASP A 196 7.60 11.09 -29.93
C ASP A 196 7.41 9.82 -30.77
N PHE A 197 7.99 9.82 -31.97
CA PHE A 197 7.92 8.72 -32.97
C PHE A 197 9.27 8.00 -33.07
N GLY A 198 10.14 8.14 -32.05
CA GLY A 198 11.50 7.56 -32.05
C GLY A 198 11.50 6.04 -32.13
N LEU A 199 10.46 5.42 -31.59
CA LEU A 199 10.29 3.96 -31.52
C LEU A 199 9.28 3.50 -32.56
N ALA A 200 8.55 4.42 -33.20
CA ALA A 200 7.50 4.09 -34.20
C ALA A 200 8.05 3.05 -35.19
N ARG A 201 7.26 2.00 -35.46
CA ARG A 201 7.56 0.95 -36.48
C ARG A 201 6.58 1.07 -37.65
N ALA A 202 7.11 1.13 -38.87
CA ALA A 202 6.37 0.98 -40.15
C ALA A 202 5.92 -0.48 -40.25
N SER A 203 4.61 -0.75 -40.33
CA SER A 203 3.97 -2.09 -40.22
C SER A 203 2.83 -2.25 -41.23
N GLU A 204 3.07 -2.93 -42.34
CA GLU A 204 2.09 -3.07 -43.47
C GLU A 204 0.98 -4.05 -43.07
N LYS A 205 1.35 -5.14 -42.38
CA LYS A 205 0.45 -6.12 -41.69
C LYS A 205 0.34 -7.45 -42.48
N TPO A 209 1.93 -10.22 -37.89
CA TPO A 209 2.44 -9.70 -36.59
CB TPO A 209 1.58 -10.19 -35.43
CG2 TPO A 209 2.31 -10.33 -34.12
OG1 TPO A 209 0.54 -9.16 -35.24
P TPO A 209 -1.00 -9.63 -35.27
O1P TPO A 209 -1.15 -10.39 -36.59
O2P TPO A 209 -1.82 -8.35 -35.18
O3P TPO A 209 -1.16 -10.54 -34.09
C TPO A 209 3.90 -10.11 -36.43
O TPO A 209 4.20 -11.28 -36.22
N VAL A 210 4.78 -9.09 -36.47
CA VAL A 210 6.20 -9.27 -36.21
C VAL A 210 6.37 -9.58 -34.72
N MET A 211 7.57 -9.99 -34.30
CA MET A 211 7.99 -10.00 -32.87
C MET A 211 9.39 -9.43 -32.76
N TPO A 212 9.85 -9.10 -31.55
CA TPO A 212 11.11 -8.39 -31.37
CB TPO A 212 10.91 -6.87 -31.27
CG2 TPO A 212 10.14 -6.44 -30.05
OG1 TPO A 212 12.24 -6.23 -31.20
P TPO A 212 13.01 -5.80 -32.57
O1P TPO A 212 11.92 -5.38 -33.52
O2P TPO A 212 13.74 -7.05 -33.03
O3P TPO A 212 13.93 -4.67 -32.19
C TPO A 212 11.83 -8.86 -30.11
O TPO A 212 11.20 -9.41 -29.21
N SEP A 213 13.14 -8.59 -30.05
CA SEP A 213 13.96 -8.95 -28.92
CB SEP A 213 15.28 -9.49 -29.42
OG SEP A 213 16.04 -8.38 -29.97
C SEP A 213 14.14 -7.74 -27.99
O SEP A 213 14.21 -7.90 -26.78
P SEP A 213 17.10 -8.62 -31.16
O1P SEP A 213 16.39 -8.25 -32.46
O2P SEP A 213 17.46 -10.08 -31.08
O3P SEP A 213 18.26 -7.68 -30.85
N ARG A 214 14.22 -6.54 -28.57
CA ARG A 214 14.24 -5.31 -27.78
C ARG A 214 12.78 -4.89 -27.55
N ILE A 215 12.24 -5.15 -26.36
CA ILE A 215 10.85 -4.81 -25.97
C ILE A 215 10.88 -3.39 -25.41
N VAL A 216 10.06 -2.49 -25.97
CA VAL A 216 10.05 -1.03 -25.63
C VAL A 216 8.61 -0.52 -25.49
N GLY A 217 8.47 0.52 -24.66
CA GLY A 217 7.19 1.09 -24.22
C GLY A 217 7.27 1.46 -22.74
N THR A 218 6.21 2.06 -22.22
CA THR A 218 6.05 2.36 -20.77
C THR A 218 5.10 1.32 -20.17
N THR A 219 5.66 0.44 -19.33
CA THR A 219 5.01 -0.75 -18.74
C THR A 219 3.53 -0.45 -18.45
N ALA A 220 3.28 0.63 -17.71
CA ALA A 220 1.97 0.96 -17.12
C ALA A 220 0.89 1.06 -18.21
N TYR A 221 1.31 1.34 -19.45
CA TYR A 221 0.45 1.55 -20.66
C TYR A 221 0.45 0.34 -21.59
N MET A 222 1.53 -0.42 -21.64
CA MET A 222 1.73 -1.51 -22.65
C MET A 222 0.74 -2.64 -22.42
N ALA A 223 0.26 -3.23 -23.52
CA ALA A 223 -0.62 -4.42 -23.57
C ALA A 223 0.18 -5.68 -23.24
N PRO A 224 -0.52 -6.80 -22.92
CA PRO A 224 0.14 -8.09 -22.68
C PRO A 224 1.16 -8.42 -23.79
N GLU A 225 0.69 -8.48 -25.04
CA GLU A 225 1.48 -9.01 -26.18
C GLU A 225 2.68 -8.08 -26.46
N ALA A 226 2.55 -6.77 -26.22
CA ALA A 226 3.66 -5.81 -26.42
C ALA A 226 4.78 -6.15 -25.42
N LEU A 227 4.40 -6.48 -24.18
CA LEU A 227 5.32 -6.84 -23.07
C LEU A 227 5.99 -8.19 -23.33
N ARG A 228 5.40 -9.05 -24.17
CA ARG A 228 6.00 -10.35 -24.59
C ARG A 228 6.80 -10.17 -25.90
N GLY A 229 6.74 -8.98 -26.51
CA GLY A 229 7.60 -8.61 -27.64
C GLY A 229 6.88 -8.61 -28.97
N GLU A 230 5.60 -8.98 -29.01
CA GLU A 230 4.78 -8.80 -30.23
C GLU A 230 4.79 -7.31 -30.56
N ILE A 231 4.74 -6.97 -31.86
CA ILE A 231 4.58 -5.59 -32.40
C ILE A 231 3.36 -5.59 -33.31
N THR A 232 2.33 -4.82 -32.96
CA THR A 232 1.03 -4.75 -33.68
C THR A 232 0.31 -3.45 -33.31
N PRO A 233 -0.39 -2.79 -34.28
CA PRO A 233 -1.13 -1.56 -33.98
C PRO A 233 -2.14 -1.76 -32.85
N LYS A 234 -2.56 -3.01 -32.62
CA LYS A 234 -3.56 -3.40 -31.59
C LYS A 234 -3.04 -3.08 -30.17
N SER A 235 -1.72 -3.04 -29.99
CA SER A 235 -1.05 -2.57 -28.75
C SER A 235 -1.27 -1.06 -28.53
N ASP A 236 -1.10 -0.26 -29.59
CA ASP A 236 -1.41 1.19 -29.57
C ASP A 236 -2.83 1.36 -29.01
N ILE A 237 -3.78 0.52 -29.44
CA ILE A 237 -5.22 0.63 -29.01
C ILE A 237 -5.35 0.42 -27.50
N TYR A 238 -4.73 -0.63 -26.97
CA TYR A 238 -4.72 -0.94 -25.52
C TYR A 238 -4.24 0.32 -24.79
N SER A 239 -3.04 0.77 -25.15
CA SER A 239 -2.37 1.97 -24.57
C SER A 239 -3.32 3.16 -24.58
N PHE A 240 -4.03 3.39 -25.68
CA PHE A 240 -5.03 4.49 -25.73
C PHE A 240 -6.06 4.34 -24.60
N GLY A 241 -6.61 3.14 -24.39
CA GLY A 241 -7.59 2.84 -23.32
C GLY A 241 -7.09 3.28 -21.95
N VAL A 242 -5.83 3.00 -21.63
CA VAL A 242 -5.14 3.52 -20.41
C VAL A 242 -5.26 5.05 -20.40
N VAL A 243 -4.97 5.70 -21.53
CA VAL A 243 -5.04 7.19 -21.63
C VAL A 243 -6.49 7.67 -21.44
N LEU A 244 -7.49 6.93 -21.88
CA LEU A 244 -8.93 7.25 -21.63
C LEU A 244 -9.21 7.13 -20.13
N LEU A 245 -8.62 6.16 -19.44
CA LEU A 245 -8.80 6.02 -17.97
C LEU A 245 -8.12 7.20 -17.28
N GLU A 246 -6.92 7.58 -17.73
CA GLU A 246 -6.20 8.77 -17.20
C GLU A 246 -7.09 10.01 -17.36
N ILE A 247 -7.71 10.17 -18.53
CA ILE A 247 -8.61 11.31 -18.83
C ILE A 247 -9.79 11.27 -17.84
N ILE A 248 -10.39 10.08 -17.64
CA ILE A 248 -11.65 9.91 -16.84
C ILE A 248 -11.40 10.15 -15.34
N THR A 249 -10.20 9.82 -14.83
CA THR A 249 -9.88 9.73 -13.37
C THR A 249 -8.92 10.83 -12.96
N GLY A 250 -8.08 11.32 -13.86
CA GLY A 250 -7.02 12.29 -13.53
C GLY A 250 -5.88 11.64 -12.78
N LEU A 251 -5.94 10.32 -12.69
CA LEU A 251 -4.91 9.48 -12.04
C LEU A 251 -3.86 9.17 -13.11
N PRO A 252 -2.54 9.26 -12.80
CA PRO A 252 -1.51 8.77 -13.71
C PRO A 252 -1.54 7.23 -13.71
N ALA A 253 -1.10 6.60 -14.80
CA ALA A 253 -1.27 5.15 -15.10
C ALA A 253 -0.59 4.28 -14.03
N VAL A 254 0.61 4.71 -13.61
CA VAL A 254 1.31 4.12 -12.44
C VAL A 254 1.46 5.22 -11.38
N ASP A 255 1.39 4.84 -10.10
CA ASP A 255 1.77 5.65 -8.92
C ASP A 255 2.24 4.70 -7.81
N GLU A 256 3.53 4.74 -7.46
CA GLU A 256 4.09 3.76 -6.48
C GLU A 256 3.33 3.94 -5.15
N HIS A 257 3.03 5.18 -4.77
CA HIS A 257 2.47 5.53 -3.43
C HIS A 257 0.92 5.47 -3.45
N ARG A 258 0.31 4.68 -4.35
CA ARG A 258 -1.17 4.55 -4.46
C ARG A 258 -1.59 3.07 -4.53
N GLU A 259 -2.80 2.75 -4.08
CA GLU A 259 -3.42 1.41 -4.23
C GLU A 259 -4.75 1.56 -4.99
N PRO A 260 -4.93 0.89 -6.16
CA PRO A 260 -3.86 0.14 -6.83
C PRO A 260 -2.78 1.04 -7.45
N GLN A 261 -1.55 0.53 -7.57
CA GLN A 261 -0.43 1.25 -8.24
C GLN A 261 -0.76 1.40 -9.73
N LEU A 262 -1.30 0.36 -10.36
CA LEU A 262 -1.60 0.39 -11.82
C LEU A 262 -3.06 0.74 -12.05
N LEU A 263 -3.29 1.83 -12.79
CA LEU A 263 -4.65 2.29 -13.11
C LEU A 263 -5.41 1.15 -13.76
N LEU A 264 -4.77 0.41 -14.69
CA LEU A 264 -5.32 -0.81 -15.34
C LEU A 264 -6.15 -1.61 -14.33
N ASP A 265 -5.60 -1.87 -13.13
CA ASP A 265 -6.22 -2.73 -12.09
C ASP A 265 -7.66 -2.25 -11.83
N ILE A 266 -7.91 -0.94 -11.91
CA ILE A 266 -9.23 -0.34 -11.55
C ILE A 266 -10.29 -0.89 -12.51
N LYS A 267 -9.92 -1.22 -13.74
CA LYS A 267 -10.86 -1.90 -14.68
C LYS A 267 -11.43 -3.14 -13.98
N GLU A 268 -10.56 -3.95 -13.36
CA GLU A 268 -10.92 -5.26 -12.76
C GLU A 268 -11.75 -5.02 -11.49
N GLU A 269 -11.43 -3.98 -10.70
CA GLU A 269 -12.23 -3.56 -9.53
C GLU A 269 -13.66 -3.26 -10.01
N ILE A 270 -13.81 -2.63 -11.17
CA ILE A 270 -15.11 -2.14 -11.71
C ILE A 270 -15.90 -3.28 -12.33
N GLU A 271 -15.24 -4.15 -13.10
CA GLU A 271 -15.88 -5.30 -13.78
C GLU A 271 -16.37 -6.30 -12.72
N ASP A 272 -15.65 -6.40 -11.59
CA ASP A 272 -16.02 -7.25 -10.42
C ASP A 272 -16.89 -6.45 -9.45
N GLU A 273 -17.54 -5.37 -9.93
CA GLU A 273 -18.63 -4.63 -9.22
C GLU A 273 -18.29 -4.40 -7.74
N GLU A 274 -17.00 -4.28 -7.40
CA GLU A 274 -16.52 -3.80 -6.08
C GLU A 274 -16.68 -2.28 -6.00
N LYS A 275 -16.61 -1.62 -7.17
CA LYS A 275 -16.61 -0.15 -7.33
C LYS A 275 -17.26 0.16 -8.69
N THR A 276 -17.89 1.32 -8.86
CA THR A 276 -18.37 1.83 -10.19
C THR A 276 -17.35 2.86 -10.72
N ILE A 277 -17.50 3.25 -11.99
CA ILE A 277 -16.67 4.33 -12.61
C ILE A 277 -16.93 5.63 -11.85
N GLU A 278 -18.16 5.82 -11.36
CA GLU A 278 -18.59 7.01 -10.59
C GLU A 278 -17.61 7.22 -9.43
N ASP A 279 -17.17 6.15 -8.75
CA ASP A 279 -16.25 6.22 -7.58
C ASP A 279 -14.84 6.70 -7.99
N TYR A 280 -14.54 6.73 -9.29
CA TYR A 280 -13.17 6.95 -9.83
C TYR A 280 -13.12 8.20 -10.72
N ILE A 281 -14.26 8.70 -11.23
CA ILE A 281 -14.32 9.96 -12.02
C ILE A 281 -13.46 11.00 -11.31
N ASP A 282 -12.64 11.75 -12.06
CA ASP A 282 -11.85 12.89 -11.53
C ASP A 282 -12.83 13.85 -10.82
N LYS A 283 -12.57 14.15 -9.55
CA LYS A 283 -13.41 15.05 -8.72
C LYS A 283 -13.13 16.52 -9.12
N LYS A 284 -12.05 16.80 -9.87
CA LYS A 284 -11.66 18.17 -10.28
C LYS A 284 -12.37 18.60 -11.58
N MET A 285 -13.64 18.21 -11.76
CA MET A 285 -14.52 18.51 -12.92
C MET A 285 -15.91 18.81 -12.35
N ASN A 286 -16.57 19.89 -12.78
CA ASN A 286 -17.97 20.15 -12.32
C ASN A 286 -18.96 19.71 -13.41
N ASP A 287 -18.49 19.34 -14.61
CA ASP A 287 -19.31 19.27 -15.85
C ASP A 287 -19.35 17.86 -16.47
N ALA A 288 -18.95 16.82 -15.74
CA ALA A 288 -19.01 15.41 -16.20
C ALA A 288 -20.38 14.83 -15.81
N ASP A 289 -21.10 14.23 -16.76
CA ASP A 289 -22.40 13.57 -16.50
C ASP A 289 -22.19 12.07 -16.66
N SER A 290 -23.02 11.24 -16.03
CA SER A 290 -22.89 9.77 -16.01
C SER A 290 -22.83 9.19 -17.43
N THR A 291 -23.68 9.65 -18.34
CA THR A 291 -23.88 9.03 -19.68
C THR A 291 -22.57 9.04 -20.47
N SER A 292 -21.92 10.21 -20.63
CA SER A 292 -20.75 10.40 -21.52
C SER A 292 -19.48 9.81 -20.88
N VAL A 293 -19.40 9.80 -19.55
CA VAL A 293 -18.27 9.17 -18.81
C VAL A 293 -18.34 7.65 -18.99
N GLU A 294 -19.54 7.07 -18.93
CA GLU A 294 -19.79 5.62 -19.12
C GLU A 294 -19.53 5.27 -20.59
N ALA A 295 -20.05 6.09 -21.50
CA ALA A 295 -19.72 6.03 -22.94
C ALA A 295 -18.20 5.93 -23.12
N MET A 296 -17.42 6.86 -22.54
CA MET A 296 -15.95 6.88 -22.68
C MET A 296 -15.34 5.66 -21.99
N TYR A 297 -15.86 5.30 -20.83
CA TYR A 297 -15.32 4.15 -20.06
C TYR A 297 -15.53 2.86 -20.88
N SER A 298 -16.69 2.74 -21.55
CA SER A 298 -17.03 1.58 -22.43
C SER A 298 -15.99 1.46 -23.54
N VAL A 299 -15.55 2.58 -24.10
CA VAL A 299 -14.48 2.59 -25.14
C VAL A 299 -13.18 2.11 -24.49
N ALA A 300 -12.81 2.71 -23.36
CA ALA A 300 -11.56 2.42 -22.61
C ALA A 300 -11.51 0.91 -22.33
N SER A 301 -12.62 0.33 -21.89
CA SER A 301 -12.75 -1.11 -21.53
C SER A 301 -12.65 -1.98 -22.79
N GLN A 302 -13.35 -1.62 -23.86
CA GLN A 302 -13.24 -2.28 -25.18
C GLN A 302 -11.78 -2.23 -25.63
N CYS A 303 -11.15 -1.06 -25.57
CA CYS A 303 -9.73 -0.81 -25.94
C CYS A 303 -8.79 -1.73 -25.15
N LEU A 304 -9.19 -2.15 -23.94
CA LEU A 304 -8.32 -2.75 -22.91
C LEU A 304 -8.54 -4.26 -22.77
N HIS A 305 -9.34 -4.88 -23.66
CA HIS A 305 -9.51 -6.36 -23.73
C HIS A 305 -8.11 -6.98 -23.79
N GLU A 306 -7.92 -8.11 -23.10
CA GLU A 306 -6.60 -8.77 -22.92
C GLU A 306 -6.24 -9.51 -24.21
N LYS A 307 -7.26 -9.97 -24.93
CA LYS A 307 -7.16 -10.67 -26.23
C LYS A 307 -7.08 -9.63 -27.36
N LYS A 308 -5.87 -9.34 -27.88
CA LYS A 308 -5.63 -8.26 -28.87
C LYS A 308 -6.66 -8.33 -30.01
N ASN A 309 -7.16 -9.52 -30.36
CA ASN A 309 -8.06 -9.73 -31.53
C ASN A 309 -9.49 -9.28 -31.21
N LYS A 310 -9.82 -9.08 -29.94
CA LYS A 310 -11.17 -8.68 -29.48
C LYS A 310 -11.26 -7.15 -29.37
N ARG A 311 -10.11 -6.47 -29.33
CA ARG A 311 -10.01 -4.99 -29.24
C ARG A 311 -10.52 -4.40 -30.53
N PRO A 312 -11.11 -3.18 -30.47
CA PRO A 312 -11.54 -2.48 -31.68
C PRO A 312 -10.32 -1.86 -32.36
N ASP A 313 -10.38 -1.67 -33.68
CA ASP A 313 -9.35 -0.94 -34.48
C ASP A 313 -9.59 0.55 -34.26
N ILE A 314 -8.56 1.40 -34.44
CA ILE A 314 -8.64 2.86 -34.11
C ILE A 314 -9.87 3.46 -34.80
N LYS A 315 -10.21 2.96 -36.00
CA LYS A 315 -11.34 3.47 -36.80
C LYS A 315 -12.64 3.34 -36.00
N LYS A 316 -12.83 2.26 -35.24
CA LYS A 316 -14.05 2.03 -34.43
C LYS A 316 -14.00 2.93 -33.19
N VAL A 317 -12.79 3.14 -32.63
CA VAL A 317 -12.55 4.03 -31.46
C VAL A 317 -13.00 5.45 -31.81
N GLN A 318 -12.57 5.95 -32.96
CA GLN A 318 -13.06 7.23 -33.54
C GLN A 318 -14.59 7.21 -33.54
N GLN A 319 -15.21 6.30 -34.28
CA GLN A 319 -16.69 6.18 -34.44
C GLN A 319 -17.35 6.34 -33.06
N LEU A 320 -16.79 5.71 -32.02
CA LEU A 320 -17.42 5.61 -30.67
C LEU A 320 -17.22 6.89 -29.86
N LEU A 321 -16.03 7.48 -29.91
CA LEU A 321 -15.67 8.77 -29.25
C LEU A 321 -16.43 9.92 -29.90
N GLN A 322 -16.64 9.86 -31.22
CA GLN A 322 -17.45 10.86 -31.96
C GLN A 322 -18.94 10.62 -31.60
N GLU A 323 -19.40 9.36 -31.53
CA GLU A 323 -20.80 9.00 -31.12
C GLU A 323 -21.10 9.46 -29.68
N MET A 324 -20.08 9.63 -28.85
CA MET A 324 -20.18 9.84 -27.37
C MET A 324 -20.56 11.29 -27.05
N THR A 325 -20.29 12.23 -27.97
CA THR A 325 -20.70 13.65 -27.86
C THR A 325 -21.79 13.95 -28.90
N ALA A 326 -22.68 12.97 -29.16
CA ALA A 326 -23.95 13.09 -29.93
C ALA A 326 -23.85 14.25 -30.92
N ARG B 31 -26.89 38.11 19.75
CA ARG B 31 -27.88 37.02 19.46
C ARG B 31 -28.20 37.07 17.97
N PHE B 32 -29.03 36.14 17.52
CA PHE B 32 -29.13 35.69 16.12
C PHE B 32 -30.62 35.63 15.74
N HIS B 33 -30.95 35.95 14.48
CA HIS B 33 -32.32 35.79 13.91
C HIS B 33 -32.79 34.35 14.21
N SER B 34 -34.02 34.22 14.70
CA SER B 34 -34.70 32.93 14.90
C SER B 34 -35.55 32.60 13.66
N PHE B 35 -35.07 31.69 12.81
CA PHE B 35 -35.71 31.30 11.53
C PHE B 35 -36.74 30.20 11.76
N SER B 36 -37.90 30.31 11.11
CA SER B 36 -38.87 29.20 10.93
C SER B 36 -38.19 28.11 10.10
N PHE B 37 -38.36 26.83 10.49
CA PHE B 37 -37.85 25.67 9.73
C PHE B 37 -38.35 25.76 8.29
N TYR B 38 -39.62 26.19 8.11
CA TYR B 38 -40.27 26.25 6.78
C TYR B 38 -39.55 27.31 5.93
N GLU B 39 -39.10 28.42 6.52
CA GLU B 39 -38.37 29.46 5.76
C GLU B 39 -37.11 28.82 5.16
N LEU B 40 -36.34 28.11 5.98
CA LEU B 40 -35.03 27.53 5.57
C LEU B 40 -35.27 26.36 4.60
N LYS B 41 -36.39 25.63 4.73
CA LYS B 41 -36.84 24.63 3.73
C LYS B 41 -37.02 25.33 2.38
N ASN B 42 -37.67 26.50 2.41
CA ASN B 42 -38.02 27.27 1.18
C ASN B 42 -36.74 27.75 0.50
N VAL B 43 -35.80 28.36 1.25
CA VAL B 43 -34.60 29.03 0.67
C VAL B 43 -33.56 27.99 0.25
N THR B 44 -33.63 26.74 0.73
CA THR B 44 -32.71 25.62 0.39
C THR B 44 -33.42 24.63 -0.55
N ASN B 45 -34.57 24.99 -1.11
CA ASN B 45 -35.29 24.17 -2.13
C ASN B 45 -35.69 22.84 -1.50
N ASN B 46 -36.31 22.87 -0.32
CA ASN B 46 -36.64 21.69 0.53
C ASN B 46 -35.39 20.86 0.78
N PHE B 47 -34.28 21.51 1.17
CA PHE B 47 -32.97 20.90 1.52
C PHE B 47 -32.55 19.92 0.44
N ASP B 48 -32.59 20.36 -0.81
CA ASP B 48 -32.23 19.56 -2.02
C ASP B 48 -30.86 18.91 -1.80
N GLU B 49 -30.75 17.58 -1.95
CA GLU B 49 -29.52 16.81 -1.60
C GLU B 49 -28.61 16.60 -2.83
N ARG B 50 -28.99 17.09 -4.00
CA ARG B 50 -28.10 17.06 -5.19
C ARG B 50 -26.98 18.09 -4.97
N PRO B 51 -25.75 17.85 -5.47
CA PRO B 51 -24.69 18.85 -5.37
C PRO B 51 -25.07 20.16 -6.08
N ILE B 52 -24.40 21.26 -5.72
CA ILE B 52 -24.48 22.61 -6.37
C ILE B 52 -24.09 22.49 -7.85
N SER B 53 -23.08 21.66 -8.16
CA SER B 53 -22.53 21.45 -9.52
C SER B 53 -23.59 20.88 -10.49
N VAL B 54 -24.63 20.19 -9.97
CA VAL B 54 -25.78 19.62 -10.75
C VAL B 54 -27.06 20.35 -10.35
N GLY B 55 -26.95 21.66 -10.10
CA GLY B 55 -28.07 22.58 -9.79
C GLY B 55 -28.79 22.25 -8.49
N GLY B 56 -28.13 21.59 -7.54
CA GLY B 56 -28.71 21.24 -6.23
C GLY B 56 -28.43 22.30 -5.19
N ASN B 57 -28.58 21.96 -3.91
CA ASN B 57 -28.29 22.87 -2.78
C ASN B 57 -27.29 22.26 -1.78
N LYS B 58 -27.03 20.94 -1.84
CA LYS B 58 -26.00 20.32 -0.97
C LYS B 58 -24.62 20.85 -1.39
N MET B 59 -23.89 21.44 -0.43
CA MET B 59 -22.53 22.01 -0.61
C MET B 59 -21.47 21.07 -0.04
N GLY B 60 -21.72 20.44 1.11
CA GLY B 60 -20.76 19.59 1.84
C GLY B 60 -21.43 18.82 2.97
N GLU B 61 -20.67 18.04 3.73
CA GLU B 61 -21.18 17.00 4.67
C GLU B 61 -20.10 16.69 5.71
N GLY B 62 -20.48 16.46 6.97
CA GLY B 62 -19.63 15.85 8.02
C GLY B 62 -19.59 16.62 9.32
N GLY B 63 -20.18 17.83 9.41
CA GLY B 63 -20.24 18.64 10.65
C GLY B 63 -21.32 18.13 11.59
N PHE B 64 -21.48 16.80 11.65
CA PHE B 64 -22.56 16.02 12.33
C PHE B 64 -23.93 16.42 11.79
N GLY B 65 -24.00 16.53 10.47
CA GLY B 65 -25.04 17.26 9.72
C GLY B 65 -24.56 17.62 8.33
N VAL B 66 -25.49 17.97 7.46
CA VAL B 66 -25.27 18.32 6.04
C VAL B 66 -25.59 19.80 5.91
N VAL B 67 -24.94 20.50 4.98
CA VAL B 67 -24.96 21.99 4.85
C VAL B 67 -25.41 22.33 3.43
N TYR B 68 -26.42 23.18 3.33
CA TYR B 68 -27.10 23.56 2.06
C TYR B 68 -26.90 25.05 1.82
N LYS B 69 -26.80 25.42 0.54
CA LYS B 69 -26.86 26.83 0.06
C LYS B 69 -28.32 27.32 0.12
N GLY B 70 -28.52 28.59 0.49
CA GLY B 70 -29.83 29.21 0.68
C GLY B 70 -29.79 30.72 0.43
N TYR B 71 -30.93 31.37 0.20
CA TYR B 71 -31.03 32.82 -0.07
C TYR B 71 -32.11 33.46 0.82
N VAL B 72 -31.68 34.19 1.83
CA VAL B 72 -32.51 34.87 2.86
C VAL B 72 -32.33 36.37 2.68
N ASN B 73 -33.39 37.09 2.30
CA ASN B 73 -33.37 38.58 2.17
C ASN B 73 -32.24 38.95 1.19
N ASN B 74 -32.21 38.32 0.01
CA ASN B 74 -31.23 38.60 -1.09
C ASN B 74 -29.85 37.99 -0.77
N THR B 75 -29.56 37.64 0.48
CA THR B 75 -28.20 37.25 0.98
C THR B 75 -27.99 35.74 0.83
N THR B 76 -26.94 35.31 0.14
CA THR B 76 -26.51 33.88 0.11
C THR B 76 -25.99 33.46 1.50
N VAL B 77 -26.44 32.30 1.96
CA VAL B 77 -26.12 31.76 3.32
C VAL B 77 -25.80 30.28 3.18
N ALA B 78 -25.09 29.75 4.18
CA ALA B 78 -24.96 28.31 4.45
C ALA B 78 -25.98 27.93 5.51
N VAL B 79 -26.88 27.01 5.20
CA VAL B 79 -27.79 26.38 6.20
C VAL B 79 -27.21 24.99 6.50
N LYS B 80 -26.77 24.75 7.73
CA LYS B 80 -26.27 23.45 8.24
C LYS B 80 -27.42 22.80 9.02
N LYS B 81 -27.96 21.70 8.50
CA LYS B 81 -29.11 20.95 9.08
C LYS B 81 -28.56 19.71 9.78
N LEU B 82 -28.79 19.59 11.10
CA LEU B 82 -28.19 18.53 11.95
C LEU B 82 -29.05 17.26 11.92
N ALA B 83 -28.41 16.11 11.65
CA ALA B 83 -28.98 14.74 11.66
C ALA B 83 -28.25 13.91 12.72
N ILE B 88 -25.83 8.24 17.75
CA ILE B 88 -25.63 9.46 18.61
C ILE B 88 -26.99 9.97 19.08
N THR B 89 -27.08 10.42 20.34
CA THR B 89 -28.33 10.85 21.02
C THR B 89 -28.76 12.20 20.47
N THR B 90 -30.05 12.53 20.61
CA THR B 90 -30.63 13.88 20.35
C THR B 90 -29.98 14.89 21.29
N GLU B 91 -29.87 14.56 22.59
CA GLU B 91 -29.34 15.46 23.66
C GLU B 91 -27.83 15.69 23.45
N GLU B 92 -27.14 14.82 22.72
CA GLU B 92 -25.70 14.97 22.34
C GLU B 92 -25.61 15.94 21.15
N LEU B 93 -26.43 15.72 20.12
CA LEU B 93 -26.60 16.61 18.94
C LEU B 93 -27.03 18.01 19.41
N LYS B 94 -28.05 18.07 20.27
CA LYS B 94 -28.61 19.32 20.88
C LYS B 94 -27.50 20.06 21.64
N GLN B 95 -26.54 19.34 22.24
CA GLN B 95 -25.42 19.90 23.04
C GLN B 95 -24.46 20.66 22.10
N GLN B 96 -24.12 20.07 20.95
CA GLN B 96 -23.16 20.64 19.97
C GLN B 96 -23.78 21.86 19.25
N PHE B 97 -25.06 21.79 18.88
CA PHE B 97 -25.88 22.92 18.39
C PHE B 97 -25.79 24.06 19.42
N ASP B 98 -26.11 23.77 20.68
CA ASP B 98 -26.09 24.73 21.82
C ASP B 98 -24.67 25.24 22.05
N GLN B 99 -23.66 24.39 21.89
CA GLN B 99 -22.24 24.78 22.09
C GLN B 99 -21.86 25.78 21.00
N GLU B 100 -22.17 25.45 19.73
CA GLU B 100 -21.87 26.29 18.54
C GLU B 100 -22.43 27.71 18.75
N ILE B 101 -23.69 27.81 19.19
CA ILE B 101 -24.37 29.11 19.47
C ILE B 101 -23.64 29.81 20.62
N LYS B 102 -23.28 29.09 21.68
CA LYS B 102 -22.57 29.67 22.86
C LYS B 102 -21.23 30.26 22.39
N VAL B 103 -20.47 29.54 21.56
CA VAL B 103 -19.09 29.95 21.14
C VAL B 103 -19.18 31.13 20.16
N MET B 104 -20.17 31.13 19.26
CA MET B 104 -20.40 32.18 18.23
C MET B 104 -20.97 33.46 18.86
N ALA B 105 -21.64 33.33 20.00
CA ALA B 105 -22.15 34.45 20.82
C ALA B 105 -20.94 35.24 21.32
N LYS B 106 -19.96 34.54 21.93
CA LYS B 106 -18.75 35.12 22.55
C LYS B 106 -17.78 35.58 21.46
N CYS B 107 -17.46 34.73 20.48
CA CYS B 107 -16.25 34.86 19.62
C CYS B 107 -16.63 35.42 18.23
N GLN B 108 -16.22 36.66 17.95
CA GLN B 108 -16.35 37.32 16.62
C GLN B 108 -14.98 37.87 16.20
N HIS B 109 -14.44 37.33 15.10
CA HIS B 109 -13.12 37.71 14.53
C HIS B 109 -13.13 37.45 13.03
N GLU B 110 -12.37 38.25 12.28
CA GLU B 110 -12.29 38.20 10.79
C GLU B 110 -11.71 36.86 10.32
N ASN B 111 -11.27 35.98 11.23
CA ASN B 111 -10.74 34.65 10.87
C ASN B 111 -11.61 33.58 11.53
N LEU B 112 -12.86 33.90 11.83
CA LEU B 112 -13.85 32.91 12.32
C LEU B 112 -15.11 33.07 11.51
N VAL B 113 -15.76 31.97 11.11
CA VAL B 113 -17.05 32.05 10.36
C VAL B 113 -18.06 32.75 11.24
N GLU B 114 -19.15 33.25 10.64
CA GLU B 114 -20.12 34.11 11.36
C GLU B 114 -21.52 33.48 11.27
N LEU B 115 -22.07 33.12 12.43
CA LEU B 115 -23.47 32.65 12.57
C LEU B 115 -24.42 33.83 12.35
N LEU B 116 -25.49 33.63 11.56
CA LEU B 116 -26.59 34.62 11.41
C LEU B 116 -27.77 34.22 12.28
N GLY B 117 -28.08 32.92 12.36
CA GLY B 117 -29.29 32.46 13.05
C GLY B 117 -29.31 30.97 13.23
N PHE B 118 -30.50 30.44 13.51
CA PHE B 118 -30.75 29.02 13.81
C PHE B 118 -32.26 28.75 13.70
N SER B 119 -32.64 27.48 13.84
CA SER B 119 -34.03 26.99 13.79
C SER B 119 -34.16 25.76 14.69
N SER B 120 -34.97 25.86 15.77
CA SER B 120 -35.38 24.74 16.67
C SER B 120 -36.84 24.33 16.38
N ASP B 121 -37.71 25.30 16.06
CA ASP B 121 -39.19 25.16 16.05
C ASP B 121 -39.61 23.90 15.26
N GLY B 122 -39.16 23.75 14.01
CA GLY B 122 -39.59 22.66 13.11
C GLY B 122 -38.90 21.36 13.43
N ASP B 123 -38.84 20.46 12.44
CA ASP B 123 -38.38 19.05 12.60
C ASP B 123 -36.91 19.07 13.01
N ASP B 124 -36.04 19.56 12.13
CA ASP B 124 -34.57 19.49 12.26
C ASP B 124 -34.06 20.79 12.89
N LEU B 125 -32.96 20.69 13.65
CA LEU B 125 -32.11 21.82 14.10
C LEU B 125 -31.23 22.29 12.94
N CYS B 126 -31.23 23.61 12.68
CA CYS B 126 -30.50 24.25 11.55
C CYS B 126 -29.66 25.40 12.10
N LEU B 127 -28.43 25.55 11.61
CA LEU B 127 -27.59 26.74 11.88
C LEU B 127 -27.42 27.51 10.57
N VAL B 128 -27.61 28.83 10.60
CA VAL B 128 -27.52 29.68 9.37
C VAL B 128 -26.31 30.60 9.50
N TYR B 129 -25.36 30.46 8.58
CA TYR B 129 -24.10 31.24 8.56
C TYR B 129 -24.05 32.12 7.30
N VAL B 130 -23.20 33.15 7.36
CA VAL B 130 -22.77 33.91 6.15
C VAL B 130 -22.04 32.91 5.24
N TYR B 131 -22.37 32.94 3.96
CA TYR B 131 -21.80 32.05 2.93
C TYR B 131 -20.31 32.33 2.78
N MET B 132 -19.54 31.27 2.54
CA MET B 132 -18.09 31.34 2.25
C MET B 132 -17.92 30.91 0.80
N PRO B 133 -17.87 31.87 -0.15
CA PRO B 133 -17.98 31.57 -1.56
C PRO B 133 -16.90 30.66 -2.18
N ASN B 134 -15.76 30.50 -1.50
CA ASN B 134 -14.62 29.63 -1.91
C ASN B 134 -14.56 28.35 -1.04
N GLY B 135 -15.65 28.02 -0.33
CA GLY B 135 -15.78 26.81 0.52
C GLY B 135 -14.55 26.53 1.37
N SER B 136 -14.24 25.26 1.59
CA SER B 136 -13.24 24.76 2.58
C SER B 136 -11.83 24.73 1.98
N LEU B 137 -10.78 24.80 2.81
CA LEU B 137 -9.38 24.68 2.36
C LEU B 137 -9.15 23.26 1.83
N LEU B 138 -9.81 22.27 2.41
CA LEU B 138 -9.70 20.88 1.91
C LEU B 138 -10.03 20.89 0.42
N ASP B 139 -11.22 21.35 0.10
CA ASP B 139 -11.78 21.31 -1.28
C ASP B 139 -10.83 22.07 -2.22
N ARG B 140 -10.34 23.24 -1.84
CA ARG B 140 -9.47 24.05 -2.74
C ARG B 140 -8.09 23.37 -2.85
N LEU B 141 -7.53 22.84 -1.75
CA LEU B 141 -6.19 22.20 -1.81
C LEU B 141 -6.25 21.06 -2.83
N SER B 142 -7.44 20.46 -2.96
CA SER B 142 -7.73 19.25 -3.77
C SER B 142 -8.33 19.63 -5.12
N CYS B 143 -8.54 20.92 -5.37
CA CYS B 143 -9.09 21.49 -6.63
C CYS B 143 -10.42 20.81 -6.97
N LEU B 144 -11.27 20.57 -5.97
CA LEU B 144 -12.64 19.96 -6.13
C LEU B 144 -13.48 20.86 -7.04
N ASP B 145 -14.32 20.29 -7.91
CA ASP B 145 -15.26 21.00 -8.83
C ASP B 145 -14.53 21.94 -9.81
N GLY B 146 -13.27 21.64 -10.13
CA GLY B 146 -12.50 22.28 -11.22
C GLY B 146 -11.94 23.63 -10.83
N THR B 147 -11.84 23.94 -9.54
CA THR B 147 -11.27 25.24 -9.10
C THR B 147 -9.76 25.15 -9.28
N PRO B 148 -9.11 26.28 -9.64
CA PRO B 148 -7.67 26.29 -9.95
C PRO B 148 -6.86 26.16 -8.67
N PRO B 149 -5.62 25.63 -8.73
CA PRO B 149 -4.90 25.32 -7.52
C PRO B 149 -4.53 26.65 -6.83
N LEU B 150 -4.68 26.74 -5.51
CA LEU B 150 -4.15 27.90 -4.73
C LEU B 150 -2.64 28.09 -5.00
N SER B 151 -2.21 29.33 -5.18
CA SER B 151 -0.78 29.68 -5.31
C SER B 151 -0.13 29.57 -3.94
N TRP B 152 1.20 29.55 -3.92
CA TRP B 152 2.01 29.60 -2.66
C TRP B 152 1.72 30.89 -1.88
N HIS B 153 1.59 31.99 -2.60
CA HIS B 153 1.32 33.32 -2.03
C HIS B 153 -0.03 33.25 -1.29
N MET B 154 -1.07 32.68 -1.91
CA MET B 154 -2.42 32.54 -1.30
C MET B 154 -2.35 31.61 -0.09
N ARG B 155 -1.61 30.52 -0.18
CA ARG B 155 -1.47 29.55 0.94
C ARG B 155 -0.91 30.28 2.16
N CYS B 156 0.15 31.09 2.00
CA CYS B 156 0.81 31.84 3.10
C CYS B 156 -0.23 32.72 3.82
N LYS B 157 -1.10 33.39 3.09
CA LYS B 157 -2.16 34.26 3.67
C LYS B 157 -3.16 33.39 4.43
N ILE B 158 -3.48 32.21 3.90
CA ILE B 158 -4.51 31.33 4.52
C ILE B 158 -3.96 30.85 5.87
N ALA B 159 -2.69 30.43 5.88
CA ALA B 159 -1.95 29.99 7.08
C ALA B 159 -1.93 31.09 8.14
N GLN B 160 -1.40 32.28 7.80
CA GLN B 160 -1.34 33.43 8.73
C GLN B 160 -2.75 33.68 9.27
N GLY B 161 -3.75 33.63 8.40
CA GLY B 161 -5.17 33.88 8.71
C GLY B 161 -5.77 32.87 9.69
N ALA B 162 -5.66 31.58 9.39
CA ALA B 162 -6.11 30.46 10.25
C ALA B 162 -5.44 30.56 11.64
N ALA B 163 -4.13 30.87 11.70
CA ALA B 163 -3.35 31.03 12.95
C ALA B 163 -3.86 32.25 13.71
N ASN B 164 -4.24 33.32 13.03
CA ASN B 164 -4.88 34.50 13.66
C ASN B 164 -6.22 34.06 14.25
N GLY B 165 -6.91 33.11 13.60
CA GLY B 165 -8.17 32.54 14.09
C GLY B 165 -7.97 31.72 15.35
N ILE B 166 -7.03 30.77 15.32
CA ILE B 166 -6.75 29.91 16.49
C ILE B 166 -6.32 30.83 17.65
N ASN B 167 -5.59 31.89 17.36
CA ASN B 167 -5.06 32.78 18.42
C ASN B 167 -6.22 33.43 19.16
N PHE B 168 -7.20 33.94 18.43
CA PHE B 168 -8.38 34.63 19.02
C PHE B 168 -9.11 33.64 19.94
N LEU B 169 -9.30 32.39 19.47
CA LEU B 169 -10.00 31.33 20.22
C LEU B 169 -9.21 31.02 21.51
N HIS B 170 -7.88 30.99 21.45
CA HIS B 170 -6.99 30.68 22.61
C HIS B 170 -6.95 31.89 23.55
N GLU B 171 -6.91 33.10 23.00
CA GLU B 171 -6.93 34.36 23.78
C GLU B 171 -8.23 34.42 24.58
N ASN B 172 -9.35 34.02 23.95
CA ASN B 172 -10.71 34.00 24.54
C ASN B 172 -10.99 32.62 25.13
N HIS B 173 -9.93 31.91 25.53
CA HIS B 173 -9.97 30.72 26.43
C HIS B 173 -10.93 29.66 25.87
N HIS B 174 -10.75 29.31 24.59
CA HIS B 174 -11.48 28.24 23.87
C HIS B 174 -10.46 27.28 23.23
N ILE B 175 -10.75 25.99 23.25
CA ILE B 175 -9.99 24.93 22.53
C ILE B 175 -10.93 24.39 21.46
N HIS B 176 -10.53 24.51 20.19
CA HIS B 176 -11.36 24.11 19.04
C HIS B 176 -11.63 22.60 19.15
N ARG B 177 -10.56 21.81 19.18
CA ARG B 177 -10.58 20.32 19.26
C ARG B 177 -10.90 19.68 17.90
N ASP B 178 -10.98 20.43 16.81
CA ASP B 178 -11.13 19.83 15.46
C ASP B 178 -10.56 20.77 14.38
N ILE B 179 -9.41 21.39 14.65
CA ILE B 179 -8.55 22.06 13.64
C ILE B 179 -8.19 21.03 12.59
N LYS B 180 -8.64 21.26 11.36
CA LYS B 180 -8.31 20.46 10.15
C LYS B 180 -8.73 21.29 8.93
N SER B 181 -8.16 21.00 7.75
CA SER B 181 -8.41 21.79 6.52
C SER B 181 -9.90 21.76 6.16
N ALA B 182 -10.64 20.71 6.53
CA ALA B 182 -12.10 20.65 6.26
C ALA B 182 -12.81 21.78 7.01
N ASN B 183 -12.22 22.31 8.09
CA ASN B 183 -12.86 23.30 9.00
C ASN B 183 -12.22 24.69 8.89
N ILE B 184 -11.29 24.90 7.96
CA ILE B 184 -10.86 26.28 7.56
C ILE B 184 -11.58 26.66 6.26
N LEU B 185 -12.61 27.50 6.34
CA LEU B 185 -13.38 27.98 5.16
C LEU B 185 -12.71 29.23 4.60
N LEU B 186 -13.05 29.58 3.36
CA LEU B 186 -12.35 30.63 2.58
C LEU B 186 -13.41 31.54 1.94
N ASP B 187 -13.32 32.84 2.22
CA ASP B 187 -14.37 33.81 1.83
C ASP B 187 -14.07 34.29 0.43
N GLU B 188 -14.75 35.36 0.01
CA GLU B 188 -14.66 35.94 -1.35
C GLU B 188 -13.22 36.34 -1.68
N ALA B 189 -12.38 36.68 -0.68
CA ALA B 189 -10.99 37.17 -0.84
C ALA B 189 -10.00 36.11 -0.35
N PHE B 190 -10.44 34.88 -0.25
CA PHE B 190 -9.65 33.71 0.23
C PHE B 190 -9.11 33.94 1.64
N THR B 191 -9.75 34.79 2.44
CA THR B 191 -9.49 34.94 3.89
C THR B 191 -9.84 33.63 4.61
N ALA B 192 -8.93 33.10 5.43
CA ALA B 192 -9.14 31.88 6.23
C ALA B 192 -10.13 32.14 7.39
N LYS B 193 -11.13 31.28 7.53
CA LYS B 193 -12.17 31.38 8.58
C LYS B 193 -12.29 30.01 9.26
N ILE B 194 -11.88 29.92 10.53
CA ILE B 194 -12.09 28.69 11.35
C ILE B 194 -13.60 28.53 11.57
N SER B 195 -14.10 27.29 11.52
CA SER B 195 -15.53 26.94 11.61
C SER B 195 -15.68 25.67 12.46
N ASP B 196 -16.91 25.33 12.84
CA ASP B 196 -17.32 24.09 13.57
C ASP B 196 -16.78 24.10 15.01
N PHE B 197 -17.56 24.71 15.90
CA PHE B 197 -17.27 24.87 17.34
C PHE B 197 -18.16 23.95 18.18
N GLY B 198 -18.73 22.90 17.57
CA GLY B 198 -19.65 21.94 18.22
C GLY B 198 -18.98 21.18 19.34
N LEU B 199 -17.67 20.96 19.24
CA LEU B 199 -16.86 20.22 20.23
C LEU B 199 -16.01 21.19 21.05
N ALA B 200 -15.92 22.46 20.66
CA ALA B 200 -15.06 23.46 21.33
C ALA B 200 -15.28 23.40 22.84
N ARG B 201 -14.18 23.38 23.62
CA ARG B 201 -14.21 23.51 25.10
C ARG B 201 -13.71 24.90 25.51
N ALA B 202 -14.57 25.67 26.16
CA ALA B 202 -14.19 26.85 26.98
C ALA B 202 -13.47 26.33 28.22
N SER B 203 -12.19 26.70 28.41
CA SER B 203 -11.29 26.19 29.48
C SER B 203 -10.34 27.29 29.97
N GLU B 204 -10.53 27.74 31.22
CA GLU B 204 -9.71 28.77 31.90
C GLU B 204 -8.25 28.31 32.11
N LYS B 205 -8.02 27.02 32.42
CA LYS B 205 -6.68 26.38 32.35
C LYS B 205 -6.86 24.86 32.24
N TPO B 209 -4.53 21.28 32.87
CA TPO B 209 -4.91 20.32 31.79
CB TPO B 209 -3.69 19.58 31.25
CG2 TPO B 209 -3.99 18.19 30.71
OG1 TPO B 209 -3.18 20.38 30.15
P TPO B 209 -1.64 20.85 30.19
O1P TPO B 209 -0.86 19.56 30.10
O2P TPO B 209 -1.44 21.77 28.99
O3P TPO B 209 -1.48 21.55 31.53
C TPO B 209 -5.97 19.36 32.32
O TPO B 209 -5.67 18.49 33.14
N VAL B 210 -7.19 19.52 31.81
CA VAL B 210 -8.30 18.63 32.07
C VAL B 210 -8.00 17.28 31.39
N MET B 211 -8.79 16.24 31.69
CA MET B 211 -8.84 15.01 30.88
C MET B 211 -10.32 14.63 30.69
N TPO B 212 -10.60 13.71 29.76
CA TPO B 212 -11.97 13.38 29.40
CB TPO B 212 -12.45 14.19 28.18
CG2 TPO B 212 -11.71 13.84 26.91
OG1 TPO B 212 -13.88 13.88 27.97
P TPO B 212 -15.03 14.77 28.70
O1P TPO B 212 -16.26 14.70 27.81
O2P TPO B 212 -14.46 16.16 28.81
O3P TPO B 212 -15.23 14.09 30.05
C TPO B 212 -12.10 11.90 29.09
O TPO B 212 -11.12 11.24 28.79
N SEP B 213 -13.35 11.42 29.15
CA SEP B 213 -13.66 10.03 28.84
CB SEP B 213 -14.63 9.49 29.85
OG SEP B 213 -15.91 10.12 29.63
C SEP B 213 -14.18 9.92 27.40
O SEP B 213 -13.91 8.92 26.73
P SEP B 213 -16.90 10.34 30.87
O1P SEP B 213 -18.30 10.09 30.30
O2P SEP B 213 -16.50 9.30 31.91
O3P SEP B 213 -16.70 11.80 31.33
N ARG B 214 -14.92 10.93 26.94
CA ARG B 214 -15.33 10.97 25.55
C ARG B 214 -14.24 11.68 24.74
N ILE B 215 -13.42 10.92 24.01
CA ILE B 215 -12.30 11.46 23.18
C ILE B 215 -12.86 11.81 21.80
N VAL B 216 -12.68 13.06 21.35
CA VAL B 216 -13.24 13.58 20.06
C VAL B 216 -12.19 14.38 19.27
N GLY B 217 -12.36 14.40 17.95
CA GLY B 217 -11.39 14.93 16.97
C GLY B 217 -11.32 14.04 15.76
N THR B 218 -10.55 14.44 14.75
CA THR B 218 -10.26 13.63 13.55
C THR B 218 -8.86 13.04 13.71
N THR B 219 -8.80 11.72 13.90
CA THR B 219 -7.56 10.95 14.25
C THR B 219 -6.35 11.54 13.52
N ALA B 220 -6.47 11.65 12.20
CA ALA B 220 -5.37 11.99 11.25
C ALA B 220 -4.69 13.31 11.67
N TYR B 221 -5.41 14.18 12.39
CA TYR B 221 -4.98 15.53 12.84
C TYR B 221 -4.62 15.56 14.33
N MET B 222 -5.25 14.72 15.16
CA MET B 222 -5.13 14.77 16.65
C MET B 222 -3.71 14.44 17.10
N ALA B 223 -3.27 15.12 18.15
CA ALA B 223 -1.97 14.91 18.85
C ALA B 223 -2.04 13.66 19.71
N PRO B 224 -0.87 13.13 20.16
CA PRO B 224 -0.84 11.97 21.07
C PRO B 224 -1.79 12.17 22.26
N GLU B 225 -1.60 13.24 23.02
CA GLU B 225 -2.29 13.44 24.33
C GLU B 225 -3.79 13.61 24.11
N ALA B 226 -4.22 14.20 23.00
CA ALA B 226 -5.65 14.37 22.67
C ALA B 226 -6.29 12.99 22.49
N LEU B 227 -5.56 12.09 21.83
CA LEU B 227 -5.99 10.69 21.53
C LEU B 227 -6.04 9.85 22.82
N ARG B 228 -5.31 10.25 23.86
CA ARG B 228 -5.33 9.57 25.20
C ARG B 228 -6.34 10.27 26.12
N GLY B 229 -6.92 11.39 25.68
CA GLY B 229 -8.07 12.03 26.36
C GLY B 229 -7.69 13.29 27.09
N GLU B 230 -6.43 13.70 27.10
CA GLU B 230 -6.05 15.05 27.59
C GLU B 230 -6.77 16.08 26.72
N ILE B 231 -7.13 17.21 27.33
CA ILE B 231 -7.73 18.41 26.66
C ILE B 231 -6.83 19.61 26.96
N THR B 232 -6.22 20.20 25.93
CA THR B 232 -5.26 21.33 26.07
C THR B 232 -5.15 22.08 24.75
N PRO B 233 -5.04 23.43 24.78
CA PRO B 233 -4.89 24.20 23.54
C PRO B 233 -3.68 23.72 22.71
N LYS B 234 -2.71 23.09 23.36
CA LYS B 234 -1.46 22.57 22.74
C LYS B 234 -1.78 21.48 21.70
N SER B 235 -2.91 20.78 21.84
CA SER B 235 -3.45 19.83 20.82
C SER B 235 -3.91 20.59 19.56
N ASP B 236 -4.62 21.70 19.71
CA ASP B 236 -4.99 22.60 18.60
C ASP B 236 -3.72 22.90 17.80
N ILE B 237 -2.59 23.20 18.48
CA ILE B 237 -1.30 23.57 17.82
C ILE B 237 -0.79 22.40 16.95
N TYR B 238 -0.76 21.19 17.51
CA TYR B 238 -0.34 19.97 16.77
C TYR B 238 -1.18 19.90 15.49
N SER B 239 -2.50 19.87 15.65
CA SER B 239 -3.49 19.81 14.54
C SER B 239 -3.18 20.84 13.47
N PHE B 240 -2.88 22.08 13.87
CA PHE B 240 -2.49 23.15 12.93
C PHE B 240 -1.30 22.70 12.07
N GLY B 241 -0.26 22.12 12.67
CA GLY B 241 0.94 21.64 11.96
C GLY B 241 0.59 20.67 10.84
N VAL B 242 -0.32 19.73 11.10
CA VAL B 242 -0.90 18.84 10.07
C VAL B 242 -1.48 19.70 8.94
N VAL B 243 -2.26 20.73 9.28
CA VAL B 243 -2.88 21.63 8.27
C VAL B 243 -1.80 22.41 7.49
N LEU B 244 -0.67 22.77 8.11
CA LEU B 244 0.48 23.39 7.40
C LEU B 244 1.08 22.38 6.42
N LEU B 245 1.14 21.10 6.79
CA LEU B 245 1.67 20.05 5.87
C LEU B 245 0.67 19.89 4.70
N GLU B 246 -0.64 19.89 4.99
CA GLU B 246 -1.70 19.84 3.94
C GLU B 246 -1.50 20.99 2.97
N ILE B 247 -1.27 22.19 3.51
CA ILE B 247 -1.05 23.42 2.69
C ILE B 247 0.19 23.21 1.82
N ILE B 248 1.29 22.69 2.39
CA ILE B 248 2.61 22.58 1.71
C ILE B 248 2.57 21.52 0.58
N THR B 249 1.77 20.46 0.74
CA THR B 249 1.81 19.22 -0.09
C THR B 249 0.56 19.10 -0.96
N GLY B 250 -0.57 19.66 -0.52
CA GLY B 250 -1.86 19.48 -1.21
C GLY B 250 -2.44 18.10 -0.96
N LEU B 251 -1.76 17.33 -0.11
CA LEU B 251 -2.16 15.96 0.28
C LEU B 251 -3.12 16.10 1.46
N PRO B 252 -4.26 15.37 1.48
CA PRO B 252 -5.10 15.33 2.66
C PRO B 252 -4.40 14.49 3.73
N ALA B 253 -4.70 14.73 5.02
CA ALA B 253 -3.98 14.23 6.20
C ALA B 253 -4.04 12.70 6.24
N VAL B 254 -5.20 12.12 5.91
CA VAL B 254 -5.36 10.66 5.68
C VAL B 254 -5.78 10.44 4.23
N ASP B 255 -5.31 9.33 3.65
CA ASP B 255 -5.78 8.75 2.38
C ASP B 255 -5.56 7.23 2.43
N GLU B 256 -6.64 6.44 2.46
CA GLU B 256 -6.52 4.97 2.64
C GLU B 256 -5.68 4.42 1.49
N HIS B 257 -5.88 4.92 0.26
CA HIS B 257 -5.28 4.36 -0.98
C HIS B 257 -3.90 4.97 -1.26
N ARG B 258 -3.19 5.48 -0.23
CA ARG B 258 -1.85 6.12 -0.40
C ARG B 258 -0.85 5.56 0.62
N GLU B 259 0.45 5.59 0.28
CA GLU B 259 1.56 5.25 1.21
C GLU B 259 2.50 6.45 1.31
N PRO B 260 2.73 7.01 2.53
CA PRO B 260 1.99 6.63 3.75
C PRO B 260 0.52 7.10 3.75
N GLN B 261 -0.36 6.40 4.45
CA GLN B 261 -1.78 6.81 4.60
C GLN B 261 -1.83 8.11 5.41
N LEU B 262 -1.02 8.24 6.45
CA LEU B 262 -1.05 9.42 7.35
C LEU B 262 0.04 10.41 6.94
N LEU B 263 -0.37 11.62 6.60
CA LEU B 263 0.55 12.70 6.18
C LEU B 263 1.58 12.87 7.28
N LEU B 264 1.17 12.87 8.56
CA LEU B 264 2.08 12.90 9.74
C LEU B 264 3.36 12.10 9.47
N ASP B 265 3.20 10.86 8.99
CA ASP B 265 4.32 9.89 8.77
C ASP B 265 5.42 10.56 7.93
N ILE B 266 5.04 11.43 6.99
CA ILE B 266 6.01 12.03 6.03
C ILE B 266 7.00 12.91 6.80
N LYS B 267 6.59 13.48 7.94
CA LYS B 267 7.53 14.20 8.83
C LYS B 267 8.72 13.28 9.13
N GLU B 268 8.43 12.02 9.50
CA GLU B 268 9.45 11.04 9.95
C GLU B 268 10.31 10.61 8.75
N GLU B 269 9.72 10.44 7.56
CA GLU B 269 10.46 10.19 6.30
C GLU B 269 11.48 11.31 6.08
N ILE B 270 11.10 12.56 6.38
CA ILE B 270 11.92 13.78 6.09
C ILE B 270 13.01 13.95 7.15
N GLU B 271 12.67 13.74 8.42
CA GLU B 271 13.60 13.90 9.55
C GLU B 271 14.67 12.79 9.46
N ASP B 272 14.31 11.62 8.93
CA ASP B 272 15.24 10.48 8.66
C ASP B 272 15.84 10.60 7.25
N GLU B 273 15.83 11.82 6.68
CA GLU B 273 16.57 12.20 5.44
C GLU B 273 16.45 11.11 4.36
N GLU B 274 15.33 10.36 4.33
CA GLU B 274 14.96 9.46 3.21
C GLU B 274 14.42 10.29 2.05
N LYS B 275 13.84 11.45 2.37
CA LYS B 275 13.18 12.39 1.42
C LYS B 275 13.36 13.80 1.99
N THR B 276 13.39 14.85 1.16
CA THR B 276 13.32 16.28 1.59
C THR B 276 11.88 16.79 1.43
N ILE B 277 11.58 17.96 1.98
CA ILE B 277 10.28 18.66 1.80
C ILE B 277 10.09 18.94 0.30
N GLU B 278 11.17 19.22 -0.42
CA GLU B 278 11.18 19.48 -1.88
C GLU B 278 10.44 18.35 -2.58
N ASP B 279 10.64 17.09 -2.19
CA ASP B 279 10.03 15.89 -2.82
C ASP B 279 8.52 15.82 -2.56
N TYR B 280 8.00 16.64 -1.64
CA TYR B 280 6.58 16.57 -1.17
C TYR B 280 5.83 17.87 -1.45
N ILE B 281 6.51 19.00 -1.70
CA ILE B 281 5.87 20.29 -2.11
C ILE B 281 4.79 19.97 -3.14
N ASP B 282 3.59 20.55 -3.00
CA ASP B 282 2.51 20.44 -4.01
C ASP B 282 3.09 20.88 -5.37
N LYS B 283 2.98 20.01 -6.38
CA LYS B 283 3.47 20.31 -7.76
C LYS B 283 2.50 21.26 -8.48
N LYS B 284 1.29 21.47 -7.94
CA LYS B 284 0.25 22.33 -8.58
C LYS B 284 0.42 23.81 -8.15
N MET B 285 1.66 24.26 -7.99
CA MET B 285 2.06 25.65 -7.61
C MET B 285 3.23 26.04 -8.51
N ASN B 286 3.21 27.24 -9.09
CA ASN B 286 4.35 27.71 -9.92
C ASN B 286 5.22 28.68 -9.11
N ASP B 287 4.80 29.09 -7.91
CA ASP B 287 5.33 30.29 -7.21
C ASP B 287 5.87 29.97 -5.80
N ALA B 288 6.13 28.70 -5.48
CA ALA B 288 6.70 28.28 -4.18
C ALA B 288 8.23 28.26 -4.32
N ASP B 289 8.95 28.93 -3.42
CA ASP B 289 10.45 28.93 -3.40
C ASP B 289 10.89 28.14 -2.18
N SER B 290 12.10 27.58 -2.20
CA SER B 290 12.66 26.71 -1.14
C SER B 290 12.57 27.40 0.23
N THR B 291 12.96 28.67 0.32
CA THR B 291 13.17 29.38 1.62
C THR B 291 11.85 29.42 2.42
N SER B 292 10.74 29.88 1.82
CA SER B 292 9.46 30.13 2.54
C SER B 292 8.72 28.81 2.81
N VAL B 293 8.91 27.81 1.96
CA VAL B 293 8.33 26.45 2.16
C VAL B 293 9.03 25.77 3.35
N GLU B 294 10.35 25.94 3.46
CA GLU B 294 11.18 25.41 4.58
C GLU B 294 10.83 26.17 5.84
N ALA B 295 10.74 27.49 5.76
CA ALA B 295 10.20 28.37 6.82
C ALA B 295 8.89 27.78 7.36
N MET B 296 7.92 27.53 6.48
CA MET B 296 6.58 27.00 6.89
C MET B 296 6.74 25.59 7.42
N TYR B 297 7.56 24.77 6.78
CA TYR B 297 7.76 23.36 7.22
C TYR B 297 8.37 23.34 8.63
N SER B 298 9.31 24.24 8.91
CA SER B 298 9.95 24.41 10.25
C SER B 298 8.88 24.70 11.30
N VAL B 299 7.89 25.54 10.98
CA VAL B 299 6.75 25.84 11.89
C VAL B 299 5.94 24.54 12.07
N ALA B 300 5.57 23.88 10.97
CA ALA B 300 4.76 22.65 10.96
C ALA B 300 5.43 21.63 11.87
N SER B 301 6.75 21.47 11.74
CA SER B 301 7.58 20.50 12.52
C SER B 301 7.63 20.90 14.01
N GLN B 302 7.86 22.17 14.30
CA GLN B 302 7.78 22.72 15.67
C GLN B 302 6.39 22.45 16.23
N CYS B 303 5.33 22.76 15.48
CA CYS B 303 3.91 22.54 15.86
C CYS B 303 3.64 21.07 16.20
N LEU B 304 4.43 20.15 15.63
CA LEU B 304 4.15 18.69 15.57
C LEU B 304 5.06 17.90 16.51
N HIS B 305 5.83 18.56 17.39
CA HIS B 305 6.59 17.92 18.50
C HIS B 305 5.63 16.99 19.25
N GLU B 306 6.10 15.80 19.65
CA GLU B 306 5.25 14.75 20.30
C GLU B 306 5.02 15.13 21.76
N LYS B 307 5.99 15.85 22.34
CA LYS B 307 5.97 16.38 23.73
C LYS B 307 5.22 17.72 23.76
N LYS B 308 3.94 17.73 24.14
CA LYS B 308 3.05 18.92 24.06
C LYS B 308 3.75 20.16 24.65
N ASN B 309 4.64 19.99 25.63
CA ASN B 309 5.29 21.13 26.35
C ASN B 309 6.41 21.76 25.51
N LYS B 310 6.88 21.08 24.44
CA LYS B 310 7.97 21.57 23.55
C LYS B 310 7.38 22.33 22.36
N ARG B 311 6.07 22.16 22.11
CA ARG B 311 5.34 22.84 21.01
C ARG B 311 5.29 24.33 21.31
N PRO B 312 5.27 25.18 20.25
CA PRO B 312 5.10 26.62 20.44
C PRO B 312 3.62 26.92 20.71
N ASP B 313 3.34 28.01 21.44
CA ASP B 313 1.97 28.52 21.67
C ASP B 313 1.54 29.26 20.40
N ILE B 314 0.24 29.38 20.13
CA ILE B 314 -0.28 29.97 18.85
C ILE B 314 0.38 31.34 18.63
N LYS B 315 0.66 32.08 19.69
CA LYS B 315 1.27 33.43 19.62
C LYS B 315 2.63 33.35 18.90
N LYS B 316 3.41 32.30 19.14
CA LYS B 316 4.76 32.14 18.51
C LYS B 316 4.55 31.70 17.05
N VAL B 317 3.53 30.88 16.79
CA VAL B 317 3.15 30.39 15.43
C VAL B 317 2.84 31.60 14.55
N GLN B 318 2.01 32.52 15.05
CA GLN B 318 1.75 33.82 14.41
C GLN B 318 3.08 34.49 14.08
N GLN B 319 3.89 34.82 15.10
CA GLN B 319 5.20 35.52 14.93
C GLN B 319 5.98 34.92 13.77
N LEU B 320 6.00 33.58 13.67
CA LEU B 320 6.86 32.83 12.70
C LEU B 320 6.27 32.84 11.29
N LEU B 321 4.94 32.65 11.17
CA LEU B 321 4.18 32.69 9.89
C LEU B 321 4.19 34.12 9.33
N GLN B 322 4.12 35.14 10.21
CA GLN B 322 4.20 36.56 9.80
C GLN B 322 5.67 36.83 9.41
N GLU B 323 6.66 36.34 10.16
CA GLU B 323 8.11 36.51 9.84
C GLU B 323 8.46 35.87 8.48
N MET B 324 7.67 34.88 8.03
CA MET B 324 8.00 33.99 6.88
C MET B 324 7.72 34.70 5.54
N THR B 325 6.86 35.72 5.54
CA THR B 325 6.58 36.59 4.37
C THR B 325 7.14 38.00 4.63
N ALA B 326 8.28 38.10 5.33
CA ALA B 326 9.09 39.33 5.55
C ALA B 326 8.26 40.60 5.32
N THR C 30 -2.33 -28.18 17.91
CA THR C 30 -3.07 -28.71 19.10
C THR C 30 -4.56 -28.85 18.75
N ARG C 31 -5.33 -29.53 19.61
CA ARG C 31 -6.80 -29.38 19.71
C ARG C 31 -7.18 -29.28 21.19
N PHE C 32 -8.43 -28.90 21.43
CA PHE C 32 -8.94 -28.55 22.76
C PHE C 32 -10.29 -29.28 22.97
N HIS C 33 -10.55 -29.73 24.19
CA HIS C 33 -11.87 -30.30 24.60
C HIS C 33 -12.97 -29.31 24.19
N SER C 34 -14.03 -29.80 23.55
CA SER C 34 -15.25 -29.03 23.22
C SER C 34 -16.29 -29.29 24.33
N PHE C 35 -16.46 -28.33 25.23
CA PHE C 35 -17.41 -28.40 26.38
C PHE C 35 -18.82 -27.93 25.95
N SER C 36 -19.86 -28.60 26.40
CA SER C 36 -21.23 -28.02 26.43
C SER C 36 -21.27 -26.84 27.41
N PHE C 37 -21.99 -25.77 27.06
CA PHE C 37 -22.26 -24.62 27.95
C PHE C 37 -22.73 -25.09 29.34
N TYR C 38 -23.59 -26.11 29.40
CA TYR C 38 -24.16 -26.57 30.70
C TYR C 38 -23.05 -27.22 31.54
N GLU C 39 -22.06 -27.88 30.91
CA GLU C 39 -20.90 -28.45 31.67
C GLU C 39 -20.21 -27.29 32.40
N LEU C 40 -19.90 -26.19 31.69
CA LEU C 40 -19.11 -25.06 32.24
C LEU C 40 -19.95 -24.27 33.25
N LYS C 41 -21.28 -24.24 33.08
CA LYS C 41 -22.22 -23.72 34.11
C LYS C 41 -22.00 -24.56 35.39
N ASN C 42 -21.93 -25.87 35.25
CA ASN C 42 -21.81 -26.82 36.39
C ASN C 42 -20.48 -26.61 37.10
N VAL C 43 -19.35 -26.54 36.39
CA VAL C 43 -17.98 -26.49 37.00
C VAL C 43 -17.70 -25.12 37.61
N THR C 44 -18.44 -24.06 37.22
CA THR C 44 -18.27 -22.68 37.73
C THR C 44 -19.45 -22.32 38.64
N ASN C 45 -20.25 -23.30 39.08
CA ASN C 45 -21.33 -23.11 40.07
C ASN C 45 -22.37 -22.13 39.50
N ASN C 46 -22.82 -22.36 38.27
CA ASN C 46 -23.69 -21.47 37.46
C ASN C 46 -23.09 -20.07 37.42
N PHE C 47 -21.79 -19.98 37.07
CA PHE C 47 -21.02 -18.72 36.88
C PHE C 47 -21.24 -17.78 38.07
N ASP C 48 -21.10 -18.32 39.29
CA ASP C 48 -21.31 -17.61 40.58
C ASP C 48 -20.53 -16.30 40.58
N GLU C 49 -21.20 -15.19 40.90
CA GLU C 49 -20.68 -13.80 40.74
C GLU C 49 -19.98 -13.31 42.02
N ARG C 50 -19.99 -14.07 43.12
CA ARG C 50 -19.25 -13.67 44.34
C ARG C 50 -17.75 -13.84 44.08
N PRO C 51 -16.85 -13.02 44.67
CA PRO C 51 -15.42 -13.23 44.53
C PRO C 51 -15.00 -14.60 45.07
N ILE C 52 -13.86 -15.11 44.58
CA ILE C 52 -13.23 -16.39 45.03
C ILE C 52 -12.77 -16.25 46.47
N SER C 53 -12.35 -15.04 46.87
CA SER C 53 -11.88 -14.70 48.25
C SER C 53 -12.99 -14.94 49.28
N VAL C 54 -14.27 -14.86 48.90
CA VAL C 54 -15.48 -15.09 49.75
C VAL C 54 -16.20 -16.35 49.26
N GLY C 55 -15.44 -17.35 48.81
CA GLY C 55 -15.93 -18.67 48.36
C GLY C 55 -16.85 -18.63 47.14
N GLY C 56 -16.74 -17.60 46.29
CA GLY C 56 -17.48 -17.53 45.01
C GLY C 56 -16.70 -18.15 43.87
N ASN C 57 -17.00 -17.78 42.62
CA ASN C 57 -16.24 -18.26 41.42
C ASN C 57 -15.73 -17.08 40.57
N LYS C 58 -16.25 -15.86 40.72
CA LYS C 58 -15.75 -14.69 39.93
C LYS C 58 -14.33 -14.34 40.37
N MET C 59 -13.38 -14.34 39.44
CA MET C 59 -11.94 -14.05 39.73
C MET C 59 -11.57 -12.63 39.29
N GLY C 60 -12.07 -12.19 38.14
CA GLY C 60 -11.91 -10.80 37.66
C GLY C 60 -12.58 -10.59 36.32
N GLU C 61 -12.14 -9.57 35.57
CA GLU C 61 -12.63 -9.28 34.20
C GLU C 61 -11.43 -9.22 33.24
N GLY C 62 -11.54 -9.95 32.11
CA GLY C 62 -10.45 -10.16 31.14
C GLY C 62 -10.89 -9.83 29.72
N GLY C 63 -10.84 -8.54 29.36
CA GLY C 63 -11.26 -8.01 28.04
C GLY C 63 -12.75 -7.81 27.96
N PHE C 64 -13.42 -8.56 27.07
CA PHE C 64 -14.85 -8.40 26.70
C PHE C 64 -15.64 -9.57 27.32
N GLY C 65 -15.21 -10.01 28.49
CA GLY C 65 -15.79 -11.15 29.22
C GLY C 65 -15.49 -11.08 30.71
N VAL C 66 -16.18 -11.90 31.51
CA VAL C 66 -15.88 -12.14 32.94
C VAL C 66 -15.35 -13.57 33.03
N VAL C 67 -14.46 -13.83 34.00
CA VAL C 67 -13.65 -15.09 34.10
C VAL C 67 -13.89 -15.71 35.47
N TYR C 68 -14.27 -16.98 35.49
CA TYR C 68 -14.67 -17.75 36.70
C TYR C 68 -13.70 -18.92 36.93
N LYS C 69 -13.44 -19.22 38.20
CA LYS C 69 -12.72 -20.42 38.68
C LYS C 69 -13.65 -21.64 38.58
N GLY C 70 -13.08 -22.79 38.25
CA GLY C 70 -13.82 -24.06 38.05
C GLY C 70 -12.93 -25.26 38.25
N TYR C 71 -13.53 -26.45 38.35
CA TYR C 71 -12.83 -27.75 38.49
C TYR C 71 -13.37 -28.73 37.44
N VAL C 72 -12.48 -29.15 36.54
CA VAL C 72 -12.72 -30.26 35.57
C VAL C 72 -11.79 -31.41 35.95
N ASN C 73 -12.33 -32.51 36.48
CA ASN C 73 -11.57 -33.73 36.87
C ASN C 73 -10.30 -33.35 37.64
N ASN C 74 -10.42 -32.66 38.79
CA ASN C 74 -9.25 -32.37 39.67
C ASN C 74 -8.34 -31.25 39.13
N THR C 75 -8.55 -30.81 37.87
CA THR C 75 -7.81 -29.67 37.26
C THR C 75 -8.54 -28.36 37.59
N THR C 76 -7.86 -27.43 38.26
CA THR C 76 -8.39 -26.06 38.49
C THR C 76 -8.24 -25.32 37.16
N VAL C 77 -9.29 -24.60 36.76
CA VAL C 77 -9.33 -23.91 35.44
C VAL C 77 -9.87 -22.51 35.65
N ALA C 78 -9.53 -21.64 34.70
CA ALA C 78 -10.20 -20.35 34.43
C ALA C 78 -11.20 -20.58 33.31
N VAL C 79 -12.48 -20.34 33.54
CA VAL C 79 -13.52 -20.25 32.48
C VAL C 79 -13.78 -18.76 32.25
N LYS C 80 -13.47 -18.26 31.06
CA LYS C 80 -13.77 -16.87 30.60
C LYS C 80 -15.05 -16.94 29.76
N LYS C 81 -16.14 -16.35 30.25
CA LYS C 81 -17.47 -16.29 29.58
C LYS C 81 -17.61 -14.93 28.91
N LEU C 82 -17.77 -14.90 27.59
CA LEU C 82 -17.69 -13.67 26.76
C LEU C 82 -19.07 -13.00 26.68
N ALA C 83 -19.11 -11.69 26.98
CA ALA C 83 -20.30 -10.82 27.04
C ALA C 83 -20.23 -9.75 25.93
N THR C 89 -20.52 -5.98 18.39
CA THR C 89 -21.45 -6.96 17.76
C THR C 89 -21.11 -8.38 18.21
N THR C 90 -22.05 -9.32 18.08
CA THR C 90 -21.84 -10.77 18.35
C THR C 90 -20.82 -11.32 17.34
N GLU C 91 -20.89 -10.92 16.06
CA GLU C 91 -19.99 -11.44 14.99
C GLU C 91 -18.56 -10.93 15.20
N GLU C 92 -18.41 -9.82 15.92
CA GLU C 92 -17.09 -9.22 16.31
C GLU C 92 -16.52 -10.01 17.49
N LEU C 93 -17.34 -10.24 18.52
CA LEU C 93 -17.04 -11.10 19.69
C LEU C 93 -16.71 -12.52 19.22
N LYS C 94 -17.52 -13.11 18.34
CA LYS C 94 -17.32 -14.46 17.72
C LYS C 94 -15.95 -14.49 17.01
N GLN C 95 -15.52 -13.38 16.43
CA GLN C 95 -14.24 -13.27 15.67
C GLN C 95 -13.04 -13.37 16.64
N GLN C 96 -13.13 -12.67 17.77
CA GLN C 96 -12.09 -12.62 18.85
C GLN C 96 -11.95 -14.00 19.54
N PHE C 97 -13.07 -14.64 19.86
CA PHE C 97 -13.14 -16.06 20.33
C PHE C 97 -12.40 -16.94 19.32
N ASP C 98 -12.76 -16.86 18.05
CA ASP C 98 -12.18 -17.67 16.94
C ASP C 98 -10.68 -17.32 16.78
N GLN C 99 -10.32 -16.03 16.97
CA GLN C 99 -8.90 -15.58 16.88
C GLN C 99 -8.10 -16.23 18.02
N GLU C 100 -8.62 -16.14 19.25
CA GLU C 100 -7.99 -16.67 20.49
C GLU C 100 -7.66 -18.15 20.28
N ILE C 101 -8.62 -18.93 19.77
CA ILE C 101 -8.44 -20.39 19.50
C ILE C 101 -7.36 -20.57 18.42
N LYS C 102 -7.38 -19.76 17.36
CA LYS C 102 -6.36 -19.83 16.27
C LYS C 102 -4.96 -19.56 16.85
N VAL C 103 -4.82 -18.55 17.71
CA VAL C 103 -3.49 -18.11 18.25
C VAL C 103 -2.96 -19.15 19.24
N MET C 104 -3.85 -19.73 20.05
CA MET C 104 -3.52 -20.75 21.09
C MET C 104 -3.23 -22.12 20.46
N ALA C 105 -3.78 -22.37 19.27
CA ALA C 105 -3.48 -23.57 18.46
C ALA C 105 -2.00 -23.53 18.09
N LYS C 106 -1.55 -22.40 17.53
CA LYS C 106 -0.17 -22.18 17.02
C LYS C 106 0.81 -22.02 18.19
N CYS C 107 0.51 -21.15 19.15
CA CYS C 107 1.50 -20.55 20.09
C CYS C 107 1.42 -21.24 21.46
N GLN C 108 2.48 -21.99 21.81
CA GLN C 108 2.67 -22.64 23.12
C GLN C 108 4.10 -22.34 23.60
N HIS C 109 4.21 -21.64 24.73
CA HIS C 109 5.47 -21.19 25.37
C HIS C 109 5.21 -21.00 26.87
N GLU C 110 6.22 -21.23 27.70
CA GLU C 110 6.13 -21.18 29.19
C GLU C 110 5.81 -19.75 29.65
N ASN C 111 5.73 -18.77 28.75
CA ASN C 111 5.39 -17.36 29.11
C ASN C 111 4.12 -16.99 28.36
N LEU C 112 3.30 -17.96 27.99
CA LEU C 112 1.95 -17.72 27.43
C LEU C 112 0.96 -18.60 28.18
N VAL C 113 -0.22 -18.09 28.50
CA VAL C 113 -1.28 -18.92 29.15
C VAL C 113 -1.63 -20.05 28.18
N GLU C 114 -2.29 -21.09 28.67
CA GLU C 114 -2.61 -22.31 27.89
C GLU C 114 -4.12 -22.58 27.92
N LEU C 115 -4.74 -22.58 26.75
CA LEU C 115 -6.15 -22.94 26.54
C LEU C 115 -6.30 -24.46 26.69
N LEU C 116 -7.33 -24.89 27.41
CA LEU C 116 -7.72 -26.33 27.51
C LEU C 116 -8.90 -26.61 26.59
N GLY C 117 -9.85 -25.70 26.48
CA GLY C 117 -11.13 -25.96 25.79
C GLY C 117 -11.91 -24.68 25.51
N PHE C 118 -13.18 -24.86 25.14
CA PHE C 118 -14.11 -23.77 24.76
C PHE C 118 -15.53 -24.32 24.70
N SER C 119 -16.51 -23.44 24.46
CA SER C 119 -17.95 -23.71 24.33
C SER C 119 -18.59 -22.69 23.38
N SER C 120 -19.18 -23.15 22.27
CA SER C 120 -19.89 -22.31 21.26
C SER C 120 -21.42 -22.49 21.33
N ASP C 121 -21.89 -23.68 21.69
CA ASP C 121 -23.22 -24.24 21.31
C ASP C 121 -24.35 -23.23 21.58
N GLY C 122 -24.47 -22.72 22.80
CA GLY C 122 -25.60 -21.84 23.21
C GLY C 122 -25.42 -20.43 22.69
N ASP C 123 -25.99 -19.42 23.36
CA ASP C 123 -25.62 -18.00 23.10
C ASP C 123 -24.17 -17.78 23.55
N ASP C 124 -23.84 -18.08 24.80
CA ASP C 124 -22.57 -17.59 25.42
C ASP C 124 -21.35 -18.46 25.08
N LEU C 125 -20.33 -17.76 24.60
CA LEU C 125 -19.00 -18.30 24.21
C LEU C 125 -18.15 -18.34 25.48
N CYS C 126 -17.50 -19.48 25.76
CA CYS C 126 -16.62 -19.69 26.94
C CYS C 126 -15.25 -20.21 26.50
N LEU C 127 -14.17 -19.70 27.09
CA LEU C 127 -12.81 -20.22 26.88
C LEU C 127 -12.31 -20.80 28.20
N VAL C 128 -11.75 -22.01 28.19
CA VAL C 128 -11.30 -22.73 29.42
C VAL C 128 -9.78 -22.84 29.37
N TYR C 129 -9.09 -22.25 30.34
CA TYR C 129 -7.62 -22.21 30.46
C TYR C 129 -7.17 -22.94 31.73
N VAL C 130 -5.89 -23.31 31.78
CA VAL C 130 -5.21 -23.71 33.05
C VAL C 130 -5.21 -22.47 33.96
N TYR C 131 -5.58 -22.66 35.21
CA TYR C 131 -5.63 -21.66 36.28
C TYR C 131 -4.23 -21.13 36.56
N MET C 132 -4.16 -19.84 36.88
CA MET C 132 -2.94 -19.11 37.28
C MET C 132 -3.14 -18.69 38.72
N PRO C 133 -2.63 -19.48 39.67
CA PRO C 133 -2.98 -19.30 41.09
C PRO C 133 -2.62 -17.97 41.76
N ASN C 134 -1.71 -17.18 41.18
CA ASN C 134 -1.33 -15.82 41.63
C ASN C 134 -1.95 -14.72 40.73
N GLY C 135 -3.00 -15.06 39.95
CA GLY C 135 -3.76 -14.13 39.10
C GLY C 135 -2.88 -13.18 38.31
N SER C 136 -3.36 -11.94 38.12
CA SER C 136 -2.80 -10.95 37.17
C SER C 136 -1.69 -10.13 37.84
N LEU C 137 -0.77 -9.57 37.07
CA LEU C 137 0.29 -8.68 37.60
C LEU C 137 -0.36 -7.40 38.14
N LEU C 138 -1.45 -6.96 37.53
CA LEU C 138 -2.19 -5.76 38.01
C LEU C 138 -2.49 -6.00 39.49
N ASP C 139 -3.20 -7.08 39.77
CA ASP C 139 -3.75 -7.39 41.10
C ASP C 139 -2.57 -7.49 42.09
N ARG C 140 -1.47 -8.16 41.73
CA ARG C 140 -0.34 -8.35 42.69
C ARG C 140 0.40 -7.01 42.86
N LEU C 141 0.58 -6.23 41.80
CA LEU C 141 1.31 -4.94 41.94
C LEU C 141 0.56 -4.07 42.95
N SER C 142 -0.77 -4.26 43.02
CA SER C 142 -1.73 -3.45 43.81
C SER C 142 -2.05 -4.16 45.14
N CYS C 143 -1.49 -5.34 45.36
CA CYS C 143 -1.69 -6.19 46.57
C CYS C 143 -3.20 -6.39 46.83
N LEU C 144 -3.99 -6.63 45.79
CA LEU C 144 -5.45 -6.91 45.87
C LEU C 144 -5.70 -8.14 46.76
N ASP C 145 -6.77 -8.13 47.57
CA ASP C 145 -7.22 -9.25 48.47
C ASP C 145 -6.13 -9.65 49.49
N GLY C 146 -5.24 -8.72 49.86
CA GLY C 146 -4.29 -8.89 50.96
C GLY C 146 -3.06 -9.71 50.60
N THR C 147 -2.74 -9.86 49.32
CA THR C 147 -1.51 -10.59 48.92
C THR C 147 -0.32 -9.69 49.20
N PRO C 148 0.84 -10.26 49.58
CA PRO C 148 2.00 -9.47 49.99
C PRO C 148 2.69 -8.83 48.81
N PRO C 149 3.40 -7.70 48.96
CA PRO C 149 3.90 -6.97 47.81
C PRO C 149 4.99 -7.80 47.13
N LEU C 150 4.99 -7.89 45.79
CA LEU C 150 6.12 -8.55 45.07
C LEU C 150 7.46 -7.86 45.43
N SER C 151 8.51 -8.64 45.65
CA SER C 151 9.86 -8.11 45.90
C SER C 151 10.42 -7.60 44.57
N TRP C 152 11.51 -6.82 44.62
CA TRP C 152 12.26 -6.36 43.43
C TRP C 152 12.78 -7.56 42.64
N HIS C 153 13.29 -8.56 43.35
CA HIS C 153 13.84 -9.78 42.75
C HIS C 153 12.76 -10.47 41.92
N MET C 154 11.55 -10.63 42.49
CA MET C 154 10.41 -11.27 41.79
C MET C 154 9.96 -10.42 40.59
N ARG C 155 9.94 -9.10 40.73
CA ARG C 155 9.53 -8.20 39.62
C ARG C 155 10.46 -8.43 38.41
N CYS C 156 11.78 -8.48 38.64
CA CYS C 156 12.80 -8.66 37.58
C CYS C 156 12.51 -9.94 36.80
N LYS C 157 12.15 -11.03 37.50
CA LYS C 157 11.83 -12.33 36.86
C LYS C 157 10.55 -12.18 36.04
N ILE C 158 9.57 -11.44 36.54
CA ILE C 158 8.26 -11.30 35.85
C ILE C 158 8.49 -10.54 34.54
N ALA C 159 9.27 -9.45 34.60
CA ALA C 159 9.67 -8.64 33.45
C ALA C 159 10.39 -9.50 32.38
N GLN C 160 11.49 -10.15 32.76
CA GLN C 160 12.25 -11.05 31.84
C GLN C 160 11.27 -12.05 31.22
N GLY C 161 10.39 -12.63 32.04
CA GLY C 161 9.39 -13.63 31.64
C GLY C 161 8.37 -13.11 30.63
N ALA C 162 7.69 -12.01 30.93
CA ALA C 162 6.74 -11.32 30.03
C ALA C 162 7.42 -10.96 28.69
N ALA C 163 8.66 -10.47 28.73
CA ALA C 163 9.47 -10.10 27.52
C ALA C 163 9.79 -11.37 26.73
N ASN C 164 10.07 -12.48 27.40
CA ASN C 164 10.26 -13.79 26.72
C ASN C 164 8.94 -14.19 26.05
N GLY C 165 7.80 -13.83 26.65
CA GLY C 165 6.47 -14.08 26.08
C GLY C 165 6.23 -13.26 24.84
N ILE C 166 6.43 -11.95 24.92
CA ILE C 166 6.21 -11.05 23.76
C ILE C 166 7.15 -11.50 22.63
N ASN C 167 8.35 -11.93 22.98
CA ASN C 167 9.36 -12.31 21.96
C ASN C 167 8.84 -13.50 21.15
N PHE C 168 8.31 -14.52 21.83
CA PHE C 168 7.79 -15.74 21.17
C PHE C 168 6.68 -15.33 20.21
N LEU C 169 5.77 -14.46 20.65
CA LEU C 169 4.62 -13.98 19.83
C LEU C 169 5.15 -13.22 18.60
N HIS C 170 6.21 -12.42 18.74
CA HIS C 170 6.79 -11.61 17.64
C HIS C 170 7.60 -12.55 16.73
N GLU C 171 8.32 -13.52 17.29
CA GLU C 171 9.09 -14.53 16.51
C GLU C 171 8.10 -15.32 15.64
N ASN C 172 6.92 -15.65 16.18
CA ASN C 172 5.85 -16.42 15.51
C ASN C 172 4.86 -15.45 14.86
N HIS C 173 5.34 -14.23 14.54
CA HIS C 173 4.68 -13.24 13.64
C HIS C 173 3.23 -12.97 14.12
N HIS C 174 3.08 -12.64 15.41
CA HIS C 174 1.82 -12.23 16.05
C HIS C 174 2.04 -10.89 16.77
N ILE C 175 1.07 -9.99 16.69
CA ILE C 175 1.06 -8.69 17.41
C ILE C 175 -0.08 -8.79 18.42
N HIS C 176 0.24 -8.68 19.71
CA HIS C 176 -0.73 -8.87 20.80
C HIS C 176 -1.83 -7.81 20.65
N ARG C 177 -1.45 -6.53 20.68
CA ARG C 177 -2.33 -5.34 20.58
C ARG C 177 -3.05 -5.05 21.91
N ASP C 178 -2.71 -5.72 23.01
CA ASP C 178 -3.25 -5.38 24.35
C ASP C 178 -2.32 -5.84 25.47
N ILE C 179 -1.00 -5.65 25.28
CA ILE C 179 0.02 -5.75 26.36
C ILE C 179 -0.34 -4.75 27.45
N LYS C 180 -0.63 -5.26 28.64
CA LYS C 180 -0.88 -4.45 29.86
C LYS C 180 -0.77 -5.41 31.07
N SER C 181 -0.54 -4.88 32.27
CA SER C 181 -0.36 -5.70 33.50
C SER C 181 -1.62 -6.55 33.76
N ALA C 182 -2.81 -6.10 33.33
CA ALA C 182 -4.05 -6.89 33.50
C ALA C 182 -3.95 -8.21 32.70
N ASN C 183 -3.09 -8.25 31.66
CA ASN C 183 -2.99 -9.40 30.72
C ASN C 183 -1.68 -10.18 30.90
N ILE C 184 -0.83 -9.84 31.87
CA ILE C 184 0.29 -10.73 32.31
C ILE C 184 -0.14 -11.47 33.58
N LEU C 185 -0.50 -12.76 33.44
CA LEU C 185 -0.93 -13.62 34.59
C LEU C 185 0.31 -14.28 35.20
N LEU C 186 0.18 -14.76 36.43
CA LEU C 186 1.31 -15.25 37.26
C LEU C 186 0.93 -16.61 37.86
N ASP C 187 1.74 -17.64 37.60
CA ASP C 187 1.40 -19.01 38.00
C ASP C 187 1.86 -19.22 39.45
N GLU C 188 1.91 -20.47 39.90
CA GLU C 188 2.23 -20.82 41.31
C GLU C 188 3.65 -20.35 41.67
N ALA C 189 4.55 -20.21 40.68
CA ALA C 189 5.98 -19.83 40.87
C ALA C 189 6.24 -18.42 40.34
N PHE C 190 5.17 -17.65 40.18
CA PHE C 190 5.17 -16.25 39.69
C PHE C 190 5.80 -16.15 38.31
N THR C 191 5.77 -17.24 37.53
CA THR C 191 6.09 -17.23 36.08
C THR C 191 5.12 -16.31 35.34
N ALA C 192 5.64 -15.37 34.55
CA ALA C 192 4.83 -14.38 33.80
C ALA C 192 4.24 -15.08 32.56
N LYS C 193 2.92 -14.97 32.36
CA LYS C 193 2.20 -15.62 31.25
C LYS C 193 1.35 -14.55 30.56
N ILE C 194 1.71 -14.19 29.32
CA ILE C 194 0.89 -13.28 28.48
C ILE C 194 -0.42 -14.01 28.17
N SER C 195 -1.55 -13.29 28.18
CA SER C 195 -2.90 -13.84 27.96
C SER C 195 -3.71 -12.87 27.10
N ASP C 196 -4.89 -13.30 26.62
CA ASP C 196 -5.87 -12.50 25.84
C ASP C 196 -5.34 -12.14 24.45
N PHE C 197 -5.56 -13.03 23.49
CA PHE C 197 -5.11 -12.94 22.07
C PHE C 197 -6.31 -12.67 21.15
N GLY C 198 -7.42 -12.16 21.70
CA GLY C 198 -8.66 -11.87 20.96
C GLY C 198 -8.46 -10.85 19.87
N LEU C 199 -7.55 -9.90 20.12
CA LEU C 199 -7.24 -8.79 19.19
C LEU C 199 -5.95 -9.09 18.42
N ALA C 200 -5.17 -10.10 18.84
CA ALA C 200 -3.89 -10.44 18.21
C ALA C 200 -4.04 -10.44 16.70
N ARG C 201 -3.11 -9.78 15.99
CA ARG C 201 -2.98 -9.84 14.50
C ARG C 201 -1.76 -10.66 14.14
N ALA C 202 -1.97 -11.79 13.46
CA ALA C 202 -0.94 -12.53 12.69
C ALA C 202 -0.57 -11.67 11.48
N SER C 203 0.69 -11.23 11.39
CA SER C 203 1.20 -10.28 10.36
C SER C 203 2.60 -10.72 9.94
N GLU C 204 2.65 -11.65 8.98
CA GLU C 204 3.83 -12.51 8.67
C GLU C 204 4.93 -11.65 8.00
N LYS C 205 4.54 -10.74 7.09
CA LYS C 205 5.44 -9.69 6.55
C LYS C 205 5.65 -8.66 7.66
N PHE C 206 6.50 -9.01 8.62
CA PHE C 206 6.97 -8.17 9.75
C PHE C 206 7.14 -6.72 9.28
N ALA C 207 7.89 -6.52 8.19
CA ALA C 207 8.45 -5.23 7.71
C ALA C 207 7.33 -4.23 7.41
N GLN C 208 6.28 -4.67 6.72
CA GLN C 208 5.21 -3.79 6.16
C GLN C 208 4.19 -3.48 7.25
N TPO C 209 3.89 -2.18 7.43
CA TPO C 209 2.97 -1.71 8.47
CB TPO C 209 3.47 -0.39 9.09
CG2 TPO C 209 2.38 0.51 9.64
OG1 TPO C 209 4.30 -0.76 10.24
P TPO C 209 5.80 -0.21 10.29
O1P TPO C 209 6.43 -0.67 8.99
O2P TPO C 209 6.44 -0.81 11.53
O3P TPO C 209 5.68 1.31 10.36
C TPO C 209 1.57 -1.53 7.87
O TPO C 209 1.34 -0.61 7.08
N VAL C 210 0.66 -2.41 8.30
CA VAL C 210 -0.75 -2.32 7.95
C VAL C 210 -1.34 -1.10 8.69
N MET C 211 -2.56 -0.70 8.35
CA MET C 211 -3.37 0.24 9.16
C MET C 211 -4.79 -0.31 9.22
N TPO C 212 -5.62 0.22 10.13
CA TPO C 212 -6.95 -0.30 10.37
CB TPO C 212 -6.96 -1.29 11.54
CG2 TPO C 212 -6.64 -0.64 12.88
OG1 TPO C 212 -8.31 -1.86 11.65
P TPO C 212 -8.71 -3.22 10.87
O1P TPO C 212 -9.19 -2.73 9.51
O2P TPO C 212 -7.42 -4.03 10.81
O3P TPO C 212 -9.79 -3.92 11.66
C TPO C 212 -7.93 0.82 10.65
O TPO C 212 -7.54 1.92 11.04
N SEP C 213 -9.22 0.51 10.51
CA SEP C 213 -10.29 1.45 10.79
CB SEP C 213 -11.33 1.38 9.69
OG SEP C 213 -12.05 0.12 9.85
C SEP C 213 -10.87 1.20 12.18
O SEP C 213 -11.26 2.15 12.86
P SEP C 213 -12.66 -0.61 8.55
O1P SEP C 213 -14.05 -1.09 8.96
O2P SEP C 213 -12.68 0.45 7.46
O3P SEP C 213 -11.69 -1.75 8.25
N ARG C 214 -10.93 -0.08 12.59
CA ARG C 214 -11.32 -0.41 13.95
C ARG C 214 -10.07 -0.37 14.83
N ILE C 215 -9.90 0.70 15.61
CA ILE C 215 -8.73 0.90 16.51
C ILE C 215 -9.10 0.26 17.85
N VAL C 216 -8.25 -0.64 18.36
CA VAL C 216 -8.48 -1.40 19.62
C VAL C 216 -7.20 -1.43 20.46
N GLY C 217 -7.41 -1.55 21.78
CA GLY C 217 -6.34 -1.54 22.81
C GLY C 217 -6.84 -0.81 24.03
N THR C 218 -6.01 -0.71 25.07
CA THR C 218 -6.30 0.07 26.30
C THR C 218 -5.51 1.37 26.22
N THR C 219 -6.22 2.50 26.02
CA THR C 219 -5.67 3.84 25.76
C THR C 219 -4.41 4.05 26.59
N ALA C 220 -4.51 3.83 27.91
CA ALA C 220 -3.48 4.20 28.90
C ALA C 220 -2.12 3.56 28.55
N TYR C 221 -2.16 2.43 27.81
CA TYR C 221 -0.99 1.60 27.39
C TYR C 221 -0.60 1.83 25.93
N MET C 222 -1.54 2.16 25.05
CA MET C 222 -1.33 2.21 23.57
C MET C 222 -0.35 3.32 23.21
N ALA C 223 0.48 3.06 22.20
CA ALA C 223 1.43 4.02 21.58
C ALA C 223 0.68 5.01 20.69
N PRO C 224 1.33 6.15 20.32
CA PRO C 224 0.75 7.11 19.39
C PRO C 224 0.16 6.43 18.15
N GLU C 225 0.99 5.68 17.42
CA GLU C 225 0.64 5.16 16.07
C GLU C 225 -0.49 4.13 16.20
N ALA C 226 -0.56 3.39 17.30
CA ALA C 226 -1.64 2.39 17.54
C ALA C 226 -2.97 3.14 17.65
N LEU C 227 -2.96 4.29 18.33
CA LEU C 227 -4.15 5.15 18.57
C LEU C 227 -4.59 5.83 17.27
N ARG C 228 -3.70 5.95 16.27
CA ARG C 228 -4.04 6.49 14.93
C ARG C 228 -4.40 5.34 13.98
N GLY C 229 -4.24 4.09 14.41
CA GLY C 229 -4.76 2.90 13.70
C GLY C 229 -3.66 2.11 13.01
N GLU C 230 -2.41 2.54 13.09
CA GLU C 230 -1.27 1.71 12.61
C GLU C 230 -1.30 0.42 13.43
N ILE C 231 -0.89 -0.69 12.81
CA ILE C 231 -0.71 -2.03 13.44
C ILE C 231 0.74 -2.47 13.19
N THR C 232 1.53 -2.60 14.25
CA THR C 232 2.98 -2.92 14.19
C THR C 232 3.43 -3.48 15.53
N PRO C 233 4.32 -4.51 15.53
CA PRO C 233 4.82 -5.07 16.79
C PRO C 233 5.45 -4.00 17.69
N LYS C 234 5.89 -2.88 17.09
CA LYS C 234 6.57 -1.75 17.79
C LYS C 234 5.61 -1.08 18.80
N SER C 235 4.30 -1.18 18.59
CA SER C 235 3.24 -0.77 19.56
C SER C 235 3.25 -1.67 20.80
N ASP C 236 3.35 -2.98 20.61
CA ASP C 236 3.49 -3.96 21.71
C ASP C 236 4.65 -3.49 22.60
N ILE C 237 5.77 -3.05 21.99
CA ILE C 237 7.00 -2.63 22.74
C ILE C 237 6.69 -1.42 23.63
N TYR C 238 6.03 -0.40 23.07
CA TYR C 238 5.62 0.81 23.83
C TYR C 238 4.84 0.34 25.07
N SER C 239 3.76 -0.41 24.81
CA SER C 239 2.86 -0.95 25.85
C SER C 239 3.66 -1.68 26.92
N PHE C 240 4.64 -2.50 26.54
CA PHE C 240 5.51 -3.18 27.53
C PHE C 240 6.17 -2.15 28.46
N GLY C 241 6.73 -1.06 27.92
CA GLY C 241 7.38 0.01 28.71
C GLY C 241 6.47 0.55 29.81
N VAL C 242 5.19 0.79 29.48
CA VAL C 242 4.15 1.14 30.48
C VAL C 242 4.13 0.07 31.57
N VAL C 243 4.12 -1.21 31.18
CA VAL C 243 4.09 -2.34 32.15
C VAL C 243 5.36 -2.36 33.01
N LEU C 244 6.53 -1.98 32.45
CA LEU C 244 7.78 -1.86 33.23
C LEU C 244 7.64 -0.72 34.24
N LEU C 245 6.98 0.38 33.87
CA LEU C 245 6.75 1.51 34.80
C LEU C 245 5.81 1.03 35.90
N GLU C 246 4.74 0.30 35.55
CA GLU C 246 3.80 -0.30 36.54
C GLU C 246 4.59 -1.16 37.53
N ILE C 247 5.50 -1.99 37.01
CA ILE C 247 6.37 -2.89 37.84
C ILE C 247 7.21 -2.03 38.77
N ILE C 248 7.85 -0.96 38.26
CA ILE C 248 8.83 -0.11 39.01
C ILE C 248 8.13 0.71 40.12
N THR C 249 6.88 1.12 39.90
CA THR C 249 6.16 2.14 40.72
C THR C 249 5.03 1.52 41.53
N GLY C 250 4.42 0.43 41.03
CA GLY C 250 3.22 -0.15 41.67
C GLY C 250 1.98 0.68 41.38
N LEU C 251 2.14 1.69 40.54
CA LEU C 251 1.05 2.62 40.12
C LEU C 251 0.36 1.98 38.91
N PRO C 252 -0.99 2.01 38.85
CA PRO C 252 -1.70 1.58 37.64
C PRO C 252 -1.53 2.65 36.54
N ALA C 253 -1.61 2.25 35.26
CA ALA C 253 -1.26 3.06 34.06
C ALA C 253 -2.11 4.34 33.97
N VAL C 254 -3.40 4.22 34.26
CA VAL C 254 -4.31 5.38 34.43
C VAL C 254 -4.86 5.37 35.85
N ASP C 255 -5.09 6.56 36.41
CA ASP C 255 -5.81 6.80 37.69
C ASP C 255 -6.46 8.19 37.64
N GLU C 256 -7.79 8.27 37.61
CA GLU C 256 -8.49 9.57 37.45
C GLU C 256 -8.08 10.48 38.62
N HIS C 257 -7.99 9.93 39.83
CA HIS C 257 -7.81 10.69 41.09
C HIS C 257 -6.32 10.91 41.39
N ARG C 258 -5.45 10.89 40.38
CA ARG C 258 -3.97 11.06 40.55
C ARG C 258 -3.45 12.09 39.55
N GLU C 259 -2.37 12.80 39.91
CA GLU C 259 -1.62 13.70 39.00
C GLU C 259 -0.17 13.23 38.95
N PRO C 260 0.35 12.84 37.76
CA PRO C 260 -0.43 12.76 36.52
C PRO C 260 -1.39 11.58 36.47
N GLN C 261 -2.48 11.68 35.72
CA GLN C 261 -3.45 10.58 35.53
C GLN C 261 -2.75 9.44 34.76
N LEU C 262 -1.98 9.78 33.73
CA LEU C 262 -1.33 8.74 32.88
C LEU C 262 0.12 8.50 33.34
N LEU C 263 0.42 7.25 33.71
CA LEU C 263 1.75 6.88 34.22
C LEU C 263 2.81 7.33 33.21
N LEU C 264 2.55 7.09 31.92
CA LEU C 264 3.34 7.61 30.76
C LEU C 264 3.95 8.97 31.09
N ASP C 265 3.10 9.91 31.52
CA ASP C 265 3.48 11.33 31.73
C ASP C 265 4.69 11.40 32.67
N ILE C 266 4.83 10.46 33.62
CA ILE C 266 5.92 10.51 34.64
C ILE C 266 7.27 10.39 33.92
N LYS C 267 7.32 9.70 32.78
CA LYS C 267 8.54 9.68 31.94
C LYS C 267 8.99 11.11 31.68
N GLU C 268 8.06 11.98 31.28
CA GLU C 268 8.35 13.37 30.85
C GLU C 268 8.77 14.20 32.08
N GLU C 269 8.12 13.98 33.24
CA GLU C 269 8.52 14.61 34.53
C GLU C 269 9.99 14.27 34.83
N ILE C 270 10.40 13.03 34.54
CA ILE C 270 11.75 12.50 34.90
C ILE C 270 12.79 12.97 33.90
N GLU C 271 12.46 12.95 32.60
CA GLU C 271 13.38 13.37 31.52
C GLU C 271 13.63 14.88 31.64
N ASP C 272 12.64 15.64 32.11
CA ASP C 272 12.75 17.10 32.40
C ASP C 272 13.25 17.33 33.84
N GLU C 273 13.90 16.33 34.44
CA GLU C 273 14.66 16.41 35.71
C GLU C 273 13.89 17.24 36.77
N GLU C 274 12.56 17.23 36.72
CA GLU C 274 11.69 17.77 37.80
C GLU C 274 11.65 16.77 38.96
N LYS C 275 11.85 15.50 38.65
CA LYS C 275 11.75 14.35 39.58
C LYS C 275 12.71 13.27 39.08
N THR C 276 13.24 12.42 39.98
CA THR C 276 14.02 11.20 39.61
C THR C 276 13.11 9.97 39.71
N ILE C 277 13.57 8.83 39.19
CA ILE C 277 12.86 7.52 39.31
C ILE C 277 12.78 7.18 40.81
N GLU C 278 13.78 7.56 41.59
CA GLU C 278 13.86 7.37 43.06
C GLU C 278 12.52 7.84 43.68
N ASP C 279 12.00 9.00 43.25
CA ASP C 279 10.77 9.62 43.81
C ASP C 279 9.52 8.79 43.47
N TYR C 280 9.62 7.81 42.57
CA TYR C 280 8.47 7.05 42.01
C TYR C 280 8.60 5.55 42.29
N ILE C 281 9.78 5.02 42.60
CA ILE C 281 9.98 3.57 42.96
C ILE C 281 8.87 3.17 43.94
N ASP C 282 8.25 2.00 43.74
CA ASP C 282 7.27 1.41 44.67
C ASP C 282 7.94 1.32 46.06
N LYS C 283 7.31 1.92 47.07
CA LYS C 283 7.79 1.93 48.48
C LYS C 283 7.54 0.55 49.13
N LYS C 284 6.73 -0.32 48.52
CA LYS C 284 6.36 -1.64 49.10
C LYS C 284 7.38 -2.73 48.72
N MET C 285 8.67 -2.37 48.66
CA MET C 285 9.82 -3.25 48.34
C MET C 285 10.96 -2.90 49.29
N ASN C 286 11.63 -3.88 49.91
CA ASN C 286 12.81 -3.60 50.77
C ASN C 286 14.11 -3.88 50.00
N ASP C 287 14.03 -4.47 48.79
CA ASP C 287 15.16 -5.18 48.13
C ASP C 287 15.52 -4.60 46.75
N ALA C 288 15.04 -3.39 46.43
CA ALA C 288 15.34 -2.67 45.17
C ALA C 288 16.60 -1.82 45.38
N ASP C 289 17.60 -1.96 44.51
CA ASP C 289 18.84 -1.16 44.56
C ASP C 289 18.82 -0.20 43.36
N SER C 290 19.54 0.91 43.45
CA SER C 290 19.57 1.99 42.43
C SER C 290 19.88 1.42 41.04
N THR C 291 20.90 0.56 40.92
CA THR C 291 21.48 0.14 39.62
C THR C 291 20.40 -0.57 38.77
N SER C 292 19.72 -1.58 39.30
CA SER C 292 18.80 -2.47 38.54
C SER C 292 17.47 -1.75 38.28
N VAL C 293 17.05 -0.85 39.17
CA VAL C 293 15.82 -0.03 38.96
C VAL C 293 16.05 0.96 37.82
N GLU C 294 17.25 1.57 37.77
CA GLU C 294 17.67 2.51 36.70
C GLU C 294 17.81 1.74 35.40
N ALA C 295 18.49 0.58 35.46
CA ALA C 295 18.57 -0.39 34.35
C ALA C 295 17.17 -0.62 33.77
N MET C 296 16.20 -0.99 34.61
CA MET C 296 14.83 -1.31 34.14
C MET C 296 14.16 -0.04 33.61
N TYR C 297 14.36 1.08 34.30
CA TYR C 297 13.74 2.36 33.89
C TYR C 297 14.27 2.76 32.50
N SER C 298 15.57 2.58 32.27
CA SER C 298 16.24 2.86 30.97
C SER C 298 15.56 2.05 29.86
N VAL C 299 15.20 0.80 30.13
CA VAL C 299 14.48 -0.06 29.16
C VAL C 299 13.09 0.54 28.94
N ALA C 300 12.37 0.82 30.02
CA ALA C 300 10.99 1.36 29.99
C ALA C 300 10.97 2.64 29.14
N SER C 301 11.96 3.52 29.34
CA SER C 301 12.12 4.82 28.64
C SER C 301 12.44 4.59 27.16
N GLN C 302 13.40 3.69 26.87
CA GLN C 302 13.73 3.28 25.48
C GLN C 302 12.47 2.72 24.84
N CYS C 303 11.75 1.82 25.52
CA CYS C 303 10.49 1.19 25.04
C CYS C 303 9.43 2.22 24.70
N LEU C 304 9.51 3.41 25.32
CA LEU C 304 8.42 4.43 25.35
C LEU C 304 8.74 5.63 24.46
N HIS C 305 9.80 5.59 23.65
CA HIS C 305 10.09 6.60 22.60
C HIS C 305 8.83 6.80 21.76
N GLU C 306 8.53 8.04 21.39
CA GLU C 306 7.28 8.43 20.70
C GLU C 306 7.38 8.05 19.22
N LYS C 307 8.61 8.06 18.70
CA LYS C 307 8.97 7.64 17.31
C LYS C 307 9.15 6.11 17.28
N LYS C 308 8.15 5.38 16.78
CA LYS C 308 8.14 3.88 16.80
C LYS C 308 9.48 3.32 16.28
N ASN C 309 10.15 4.02 15.36
CA ASN C 309 11.38 3.51 14.70
C ASN C 309 12.59 3.63 15.62
N LYS C 310 12.50 4.41 16.71
CA LYS C 310 13.62 4.63 17.67
C LYS C 310 13.53 3.63 18.82
N ARG C 311 12.38 2.98 19.00
CA ARG C 311 12.13 1.97 20.04
C ARG C 311 13.01 0.75 19.76
N PRO C 312 13.40 0.00 20.80
CA PRO C 312 14.09 -1.28 20.62
C PRO C 312 13.08 -2.36 20.23
N ASP C 313 13.51 -3.38 19.51
CA ASP C 313 12.69 -4.58 19.18
C ASP C 313 12.71 -5.49 20.41
N ILE C 314 11.72 -6.36 20.59
CA ILE C 314 11.58 -7.20 21.82
C ILE C 314 12.90 -7.93 22.09
N LYS C 315 13.61 -8.33 21.03
CA LYS C 315 14.89 -9.07 21.14
C LYS C 315 15.91 -8.25 21.95
N LYS C 316 15.95 -6.93 21.77
CA LYS C 316 16.90 -6.03 22.49
C LYS C 316 16.42 -5.85 23.93
N VAL C 317 15.10 -5.79 24.13
CA VAL C 317 14.45 -5.68 25.47
C VAL C 317 14.87 -6.88 26.31
N GLN C 318 14.76 -8.08 25.75
CA GLN C 318 15.26 -9.33 26.38
C GLN C 318 16.72 -9.12 26.78
N GLN C 319 17.62 -8.87 25.82
CA GLN C 319 19.08 -8.69 26.04
C GLN C 319 19.29 -7.79 27.27
N LEU C 320 18.53 -6.70 27.39
CA LEU C 320 18.73 -5.63 28.41
C LEU C 320 18.20 -6.07 29.80
N LEU C 321 17.02 -6.69 29.82
CA LEU C 321 16.36 -7.22 31.05
C LEU C 321 17.17 -8.41 31.60
N GLN C 322 17.74 -9.22 30.71
CA GLN C 322 18.62 -10.35 31.11
C GLN C 322 19.94 -9.75 31.60
N GLU C 323 20.50 -8.73 30.92
CA GLU C 323 21.76 -8.03 31.34
C GLU C 323 21.61 -7.40 32.74
N MET C 324 20.37 -7.07 33.13
CA MET C 324 20.05 -6.21 34.32
C MET C 324 20.16 -7.01 35.62
N THR C 325 20.06 -8.33 35.57
CA THR C 325 20.25 -9.25 36.72
C THR C 325 21.55 -10.05 36.54
N ALA C 326 22.59 -9.47 35.91
CA ALA C 326 23.95 -10.04 35.83
C ALA C 326 25.00 -8.99 36.26
N THR D 30 15.96 -27.74 8.47
CA THR D 30 17.17 -28.49 7.98
C THR D 30 18.37 -27.53 7.90
N ARG D 31 19.58 -28.09 7.82
CA ARG D 31 20.78 -27.49 7.20
C ARG D 31 21.53 -28.58 6.44
N PHE D 32 22.62 -28.21 5.78
CA PHE D 32 23.21 -28.92 4.62
C PHE D 32 24.72 -29.05 4.83
N HIS D 33 25.33 -30.13 4.35
CA HIS D 33 26.81 -30.32 4.34
C HIS D 33 27.45 -29.05 3.77
N SER D 34 28.48 -28.54 4.44
CA SER D 34 29.31 -27.40 3.96
C SER D 34 30.54 -27.97 3.26
N PHE D 35 30.53 -27.94 1.92
CA PHE D 35 31.60 -28.50 1.05
C PHE D 35 32.73 -27.48 0.85
N SER D 36 33.97 -27.95 0.91
CA SER D 36 35.15 -27.21 0.39
C SER D 36 35.00 -27.03 -1.12
N PHE D 37 35.30 -25.82 -1.63
CA PHE D 37 35.27 -25.51 -3.08
C PHE D 37 36.15 -26.54 -3.80
N TYR D 38 37.29 -26.90 -3.19
CA TYR D 38 38.30 -27.78 -3.82
C TYR D 38 37.72 -29.20 -3.91
N GLU D 39 36.88 -29.64 -2.97
CA GLU D 39 36.22 -30.98 -3.06
C GLU D 39 35.38 -30.99 -4.34
N LEU D 40 34.56 -29.95 -4.55
CA LEU D 40 33.59 -29.88 -5.67
C LEU D 40 34.34 -29.67 -6.99
N LYS D 41 35.50 -29.00 -6.96
CA LYS D 41 36.44 -28.91 -8.12
C LYS D 41 36.86 -30.34 -8.49
N ASN D 42 37.21 -31.14 -7.48
CA ASN D 42 37.73 -32.52 -7.67
C ASN D 42 36.66 -33.40 -8.29
N VAL D 43 35.43 -33.38 -7.74
CA VAL D 43 34.35 -34.34 -8.12
C VAL D 43 33.74 -33.93 -9.47
N THR D 44 33.91 -32.68 -9.92
CA THR D 44 33.39 -32.16 -11.21
C THR D 44 34.53 -32.01 -12.22
N ASN D 45 35.70 -32.61 -11.95
CA ASN D 45 36.85 -32.67 -12.90
C ASN D 45 37.32 -31.24 -13.20
N ASN D 46 37.52 -30.43 -12.16
CA ASN D 46 37.84 -28.98 -12.23
C ASN D 46 36.77 -28.27 -13.07
N PHE D 47 35.49 -28.52 -12.77
CA PHE D 47 34.31 -27.89 -13.41
C PHE D 47 34.45 -27.94 -14.93
N ASP D 48 34.77 -29.12 -15.48
CA ASP D 48 34.95 -29.38 -16.92
C ASP D 48 33.75 -28.83 -17.70
N GLU D 49 33.99 -27.96 -18.70
CA GLU D 49 32.93 -27.18 -19.39
C GLU D 49 32.48 -27.87 -20.69
N ARG D 50 33.05 -29.03 -21.04
CA ARG D 50 32.53 -29.84 -22.17
C ARG D 50 31.21 -30.47 -21.75
N PRO D 51 30.24 -30.66 -22.66
CA PRO D 51 29.00 -31.36 -22.32
C PRO D 51 29.28 -32.80 -21.84
N ILE D 52 28.32 -33.39 -21.14
CA ILE D 52 28.28 -34.82 -20.71
C ILE D 52 28.31 -35.74 -21.95
N SER D 53 27.64 -35.32 -23.03
CA SER D 53 27.55 -36.01 -24.35
C SER D 53 28.94 -36.25 -24.96
N VAL D 54 29.93 -35.41 -24.66
CA VAL D 54 31.34 -35.47 -25.15
C VAL D 54 32.26 -35.78 -23.95
N GLY D 55 31.77 -36.58 -23.00
CA GLY D 55 32.51 -37.04 -21.80
C GLY D 55 32.91 -35.92 -20.84
N GLY D 56 32.22 -34.78 -20.85
CA GLY D 56 32.50 -33.63 -19.98
C GLY D 56 31.72 -33.70 -18.67
N ASN D 57 31.58 -32.56 -17.98
CA ASN D 57 30.79 -32.47 -16.72
C ASN D 57 29.70 -31.39 -16.80
N LYS D 58 29.75 -30.47 -17.77
CA LYS D 58 28.67 -29.46 -17.96
C LYS D 58 27.38 -30.19 -18.41
N MET D 59 26.29 -30.03 -17.65
CA MET D 59 24.97 -30.67 -17.90
C MET D 59 23.99 -29.66 -18.53
N GLY D 60 24.00 -28.42 -18.04
CA GLY D 60 23.08 -27.35 -18.47
C GLY D 60 23.53 -25.99 -17.94
N GLU D 61 22.72 -24.96 -18.17
CA GLU D 61 23.11 -23.53 -18.02
C GLU D 61 21.83 -22.68 -18.00
N GLY D 62 21.79 -21.63 -17.19
CA GLY D 62 20.76 -20.58 -17.28
C GLY D 62 20.16 -20.17 -15.94
N GLY D 63 20.41 -20.92 -14.86
CA GLY D 63 19.95 -20.59 -13.49
C GLY D 63 20.81 -19.51 -12.84
N PHE D 64 21.37 -18.60 -13.66
CA PHE D 64 22.36 -17.54 -13.33
C PHE D 64 23.62 -18.17 -12.73
N GLY D 65 24.06 -19.20 -13.44
CA GLY D 65 25.07 -20.20 -13.03
C GLY D 65 25.07 -21.34 -14.04
N VAL D 66 26.16 -22.11 -14.04
CA VAL D 66 26.33 -23.35 -14.85
C VAL D 66 26.34 -24.50 -13.85
N VAL D 67 25.85 -25.67 -14.26
CA VAL D 67 25.60 -26.85 -13.37
C VAL D 67 26.37 -28.05 -13.94
N TYR D 68 27.17 -28.69 -13.10
CA TYR D 68 28.09 -29.79 -13.45
C TYR D 68 27.68 -31.07 -12.74
N LYS D 69 27.89 -32.21 -13.40
CA LYS D 69 27.81 -33.58 -12.81
C LYS D 69 29.04 -33.83 -11.92
N GLY D 70 28.86 -34.51 -10.79
CA GLY D 70 29.90 -34.78 -9.78
C GLY D 70 29.62 -36.03 -8.97
N TYR D 71 30.61 -36.59 -8.27
CA TYR D 71 30.46 -37.83 -7.45
C TYR D 71 31.06 -37.62 -6.05
N VAL D 72 30.19 -37.49 -5.05
CA VAL D 72 30.53 -37.26 -3.63
C VAL D 72 30.06 -38.48 -2.85
N ASN D 73 30.98 -39.25 -2.25
CA ASN D 73 30.63 -40.37 -1.33
C ASN D 73 29.72 -41.37 -2.09
N ASN D 74 30.14 -41.81 -3.27
CA ASN D 74 29.41 -42.81 -4.11
C ASN D 74 28.22 -42.17 -4.84
N THR D 75 27.74 -41.00 -4.41
CA THR D 75 26.45 -40.39 -4.84
C THR D 75 26.69 -39.48 -6.05
N THR D 76 26.00 -39.70 -7.17
CA THR D 76 25.96 -38.73 -8.30
C THR D 76 25.16 -37.49 -7.85
N VAL D 77 25.71 -36.30 -8.12
CA VAL D 77 25.15 -35.00 -7.67
C VAL D 77 25.19 -34.03 -8.83
N ALA D 78 24.35 -33.00 -8.75
CA ALA D 78 24.43 -31.78 -9.56
C ALA D 78 25.14 -30.73 -8.71
N VAL D 79 26.26 -30.21 -9.19
CA VAL D 79 26.94 -29.03 -8.59
C VAL D 79 26.59 -27.84 -9.51
N LYS D 80 25.86 -26.85 -8.99
CA LYS D 80 25.52 -25.58 -9.68
C LYS D 80 26.50 -24.52 -9.17
N LYS D 81 27.40 -24.04 -10.04
CA LYS D 81 28.42 -23.01 -9.73
C LYS D 81 27.93 -21.66 -10.25
N LEU D 82 27.76 -20.68 -9.35
CA LEU D 82 27.12 -19.36 -9.68
C LEU D 82 28.16 -18.38 -10.24
N ALA D 83 27.80 -17.75 -11.35
CA ALA D 83 28.61 -16.87 -12.22
C ALA D 83 29.14 -15.66 -11.42
N ILE D 88 25.14 -8.57 -13.85
CA ILE D 88 24.44 -8.84 -12.55
C ILE D 88 25.41 -8.62 -11.38
N THR D 89 24.92 -8.02 -10.29
CA THR D 89 25.72 -7.63 -9.09
C THR D 89 26.09 -8.89 -8.29
N THR D 90 27.14 -8.80 -7.47
CA THR D 90 27.52 -9.81 -6.45
C THR D 90 26.40 -9.97 -5.43
N GLU D 91 25.87 -8.84 -4.94
CA GLU D 91 24.79 -8.72 -3.92
C GLU D 91 23.49 -9.37 -4.44
N GLU D 92 23.29 -9.37 -5.77
CA GLU D 92 22.11 -9.97 -6.44
C GLU D 92 22.29 -11.49 -6.51
N LEU D 93 23.46 -11.92 -6.99
CA LEU D 93 23.90 -13.34 -7.05
C LEU D 93 23.87 -13.94 -5.64
N LYS D 94 24.47 -13.25 -4.67
CA LYS D 94 24.58 -13.71 -3.26
C LYS D 94 23.16 -13.82 -2.67
N GLN D 95 22.21 -12.99 -3.13
CA GLN D 95 20.80 -12.97 -2.65
C GLN D 95 20.11 -14.26 -3.08
N GLN D 96 20.27 -14.66 -4.35
CA GLN D 96 19.61 -15.84 -4.97
C GLN D 96 20.16 -17.14 -4.37
N PHE D 97 21.49 -17.23 -4.20
CA PHE D 97 22.17 -18.31 -3.45
C PHE D 97 21.52 -18.43 -2.06
N ASP D 98 21.48 -17.32 -1.32
CA ASP D 98 20.95 -17.24 0.06
C ASP D 98 19.44 -17.56 0.04
N GLN D 99 18.72 -17.14 -1.00
CA GLN D 99 17.25 -17.39 -1.12
C GLN D 99 17.04 -18.88 -1.32
N GLU D 100 17.78 -19.50 -2.25
CA GLU D 100 17.69 -20.94 -2.59
C GLU D 100 17.85 -21.78 -1.33
N ILE D 101 18.87 -21.47 -0.52
CA ILE D 101 19.16 -22.18 0.76
C ILE D 101 17.99 -21.95 1.72
N LYS D 102 17.48 -20.72 1.83
CA LYS D 102 16.35 -20.39 2.73
C LYS D 102 15.13 -21.23 2.33
N VAL D 103 14.82 -21.31 1.03
CA VAL D 103 13.57 -21.99 0.52
C VAL D 103 13.71 -23.51 0.70
N MET D 104 14.90 -24.06 0.44
CA MET D 104 15.22 -25.52 0.54
C MET D 104 15.30 -25.97 2.01
N ALA D 105 15.61 -25.04 2.92
CA ALA D 105 15.61 -25.27 4.38
C ALA D 105 14.17 -25.57 4.80
N LYS D 106 13.23 -24.71 4.39
CA LYS D 106 11.79 -24.79 4.75
C LYS D 106 11.12 -25.93 3.97
N CYS D 107 11.31 -25.99 2.65
CA CYS D 107 10.44 -26.76 1.71
C CYS D 107 11.11 -28.08 1.30
N GLN D 108 10.58 -29.21 1.77
CA GLN D 108 11.01 -30.59 1.42
C GLN D 108 9.76 -31.40 1.05
N HIS D 109 9.67 -31.80 -0.20
CA HIS D 109 8.52 -32.54 -0.79
C HIS D 109 9.03 -33.38 -1.96
N GLU D 110 8.39 -34.53 -2.19
CA GLU D 110 8.77 -35.52 -3.23
C GLU D 110 8.64 -34.90 -4.63
N ASN D 111 8.13 -33.67 -4.76
CA ASN D 111 7.99 -32.99 -6.08
C ASN D 111 8.80 -31.71 -6.06
N LEU D 112 9.82 -31.64 -5.21
CA LEU D 112 10.79 -30.52 -5.21
C LEU D 112 12.18 -31.11 -5.21
N VAL D 113 13.11 -30.55 -5.99
CA VAL D 113 14.52 -31.05 -5.99
C VAL D 113 15.08 -30.91 -4.58
N GLU D 114 16.16 -31.62 -4.28
CA GLU D 114 16.69 -31.72 -2.90
C GLU D 114 18.14 -31.22 -2.85
N LEU D 115 18.36 -30.15 -2.11
CA LEU D 115 19.70 -29.59 -1.82
C LEU D 115 20.41 -30.54 -0.86
N LEU D 116 21.68 -30.87 -1.12
CA LEU D 116 22.53 -31.63 -0.18
C LEU D 116 23.44 -30.66 0.58
N GLY D 117 23.97 -29.65 -0.11
CA GLY D 117 24.95 -28.73 0.48
C GLY D 117 25.22 -27.53 -0.37
N PHE D 118 26.34 -26.87 -0.09
CA PHE D 118 26.78 -25.62 -0.74
C PHE D 118 28.26 -25.39 -0.42
N SER D 119 28.84 -24.36 -1.02
CA SER D 119 30.25 -23.95 -0.86
C SER D 119 30.35 -22.43 -1.01
N SER D 120 30.76 -21.73 0.06
CA SER D 120 31.11 -20.28 0.08
C SER D 120 32.63 -20.08 0.14
N ASP D 121 33.33 -20.96 0.87
CA ASP D 121 34.74 -20.77 1.32
C ASP D 121 35.64 -20.36 0.15
N GLY D 122 35.64 -21.13 -0.95
CA GLY D 122 36.55 -20.91 -2.09
C GLY D 122 36.12 -19.76 -2.96
N ASP D 123 36.54 -19.78 -4.24
CA ASP D 123 36.34 -18.67 -5.21
C ASP D 123 34.84 -18.50 -5.43
N ASP D 124 34.21 -19.52 -6.03
CA ASP D 124 32.81 -19.45 -6.52
C ASP D 124 31.87 -20.02 -5.46
N LEU D 125 30.62 -19.50 -5.42
CA LEU D 125 29.46 -20.08 -4.70
C LEU D 125 28.92 -21.27 -5.50
N CYS D 126 28.73 -22.41 -4.83
CA CYS D 126 28.25 -23.69 -5.43
C CYS D 126 27.05 -24.21 -4.63
N LEU D 127 26.04 -24.74 -5.30
CA LEU D 127 24.93 -25.47 -4.66
C LEU D 127 25.00 -26.93 -5.08
N VAL D 128 24.90 -27.87 -4.13
CA VAL D 128 25.03 -29.33 -4.43
C VAL D 128 23.67 -29.98 -4.18
N TYR D 129 23.10 -30.56 -5.24
CA TYR D 129 21.78 -31.23 -5.22
C TYR D 129 21.95 -32.73 -5.51
N VAL D 130 20.95 -33.52 -5.12
CA VAL D 130 20.76 -34.90 -5.64
C VAL D 130 20.54 -34.78 -7.15
N TYR D 131 21.23 -35.61 -7.91
CA TYR D 131 21.17 -35.70 -9.38
C TYR D 131 19.77 -36.15 -9.80
N MET D 132 19.31 -35.61 -10.93
CA MET D 132 18.03 -35.97 -11.57
C MET D 132 18.39 -36.66 -12.89
N PRO D 133 18.46 -38.00 -12.89
CA PRO D 133 19.02 -38.74 -14.01
C PRO D 133 18.36 -38.59 -15.39
N ASN D 134 17.11 -38.11 -15.42
CA ASN D 134 16.31 -37.86 -16.67
C ASN D 134 16.25 -36.34 -16.97
N GLY D 135 17.11 -35.53 -16.35
CA GLY D 135 17.22 -34.07 -16.56
C GLY D 135 15.89 -33.36 -16.56
N SER D 136 15.77 -32.31 -17.38
CA SER D 136 14.64 -31.34 -17.37
C SER D 136 13.50 -31.83 -18.27
N LEU D 137 12.27 -31.40 -18.01
CA LEU D 137 11.10 -31.73 -18.85
C LEU D 137 11.26 -31.11 -20.22
N LEU D 138 11.91 -29.94 -20.30
CA LEU D 138 12.16 -29.28 -21.60
C LEU D 138 12.86 -30.29 -22.49
N ASP D 139 14.01 -30.77 -22.02
CA ASP D 139 14.93 -31.61 -22.81
C ASP D 139 14.17 -32.89 -23.22
N ARG D 140 13.42 -33.52 -22.32
CA ARG D 140 12.73 -34.80 -22.63
C ARG D 140 11.54 -34.51 -23.58
N LEU D 141 10.79 -33.43 -23.38
CA LEU D 141 9.63 -33.16 -24.26
C LEU D 141 10.13 -33.01 -25.70
N SER D 142 11.38 -32.54 -25.83
CA SER D 142 12.07 -32.19 -27.10
C SER D 142 12.94 -33.36 -27.59
N CYS D 143 13.02 -34.43 -26.79
CA CYS D 143 13.81 -35.66 -27.09
C CYS D 143 15.27 -35.26 -27.41
N LEU D 144 15.85 -34.33 -26.65
CA LEU D 144 17.27 -33.89 -26.74
C LEU D 144 18.20 -35.09 -26.54
N ASP D 145 19.31 -35.17 -27.29
CA ASP D 145 20.36 -36.24 -27.22
C ASP D 145 19.79 -37.65 -27.48
N GLY D 146 18.68 -37.76 -28.20
CA GLY D 146 18.13 -39.06 -28.66
C GLY D 146 17.35 -39.80 -27.61
N THR D 147 16.89 -39.15 -26.56
CA THR D 147 16.07 -39.82 -25.53
C THR D 147 14.68 -40.04 -26.11
N PRO D 148 14.01 -41.15 -25.75
CA PRO D 148 12.72 -41.52 -26.35
C PRO D 148 11.60 -40.64 -25.84
N PRO D 149 10.51 -40.45 -26.60
CA PRO D 149 9.50 -39.48 -26.21
C PRO D 149 8.78 -40.01 -24.95
N LEU D 150 8.49 -39.14 -24.00
CA LEU D 150 7.58 -39.49 -22.86
C LEU D 150 6.20 -39.96 -23.40
N SER D 151 5.64 -41.02 -22.81
CA SER D 151 4.28 -41.51 -23.14
C SER D 151 3.26 -40.54 -22.52
N TRP D 152 1.99 -40.66 -22.92
CA TRP D 152 0.86 -39.89 -22.35
C TRP D 152 0.70 -40.25 -20.87
N HIS D 153 0.84 -41.52 -20.53
CA HIS D 153 0.73 -42.03 -19.15
C HIS D 153 1.79 -41.34 -18.30
N MET D 154 3.05 -41.25 -18.76
CA MET D 154 4.16 -40.60 -18.02
C MET D 154 3.91 -39.10 -17.90
N ARG D 155 3.41 -38.47 -18.95
CA ARG D 155 3.11 -37.03 -18.95
C ARG D 155 2.10 -36.72 -17.84
N CYS D 156 1.02 -37.52 -17.72
CA CYS D 156 -0.05 -37.33 -16.72
C CYS D 156 0.57 -37.32 -15.32
N LYS D 157 1.48 -38.24 -15.04
CA LYS D 157 2.14 -38.33 -13.71
C LYS D 157 3.02 -37.09 -13.52
N ILE D 158 3.69 -36.60 -14.57
CA ILE D 158 4.61 -35.45 -14.45
C ILE D 158 3.78 -34.21 -14.10
N ALA D 159 2.66 -34.01 -14.80
CA ALA D 159 1.68 -32.93 -14.57
C ALA D 159 1.16 -32.96 -13.12
N GLN D 160 0.54 -34.08 -12.70
CA GLN D 160 0.02 -34.25 -11.33
C GLN D 160 1.15 -33.93 -10.36
N GLY D 161 2.35 -34.43 -10.64
CA GLY D 161 3.56 -34.30 -9.82
C GLY D 161 4.02 -32.86 -9.67
N ALA D 162 4.25 -32.15 -10.77
CA ALA D 162 4.61 -30.72 -10.79
C ALA D 162 3.57 -29.87 -10.03
N ALA D 163 2.26 -30.16 -10.21
CA ALA D 163 1.14 -29.48 -9.54
C ALA D 163 1.19 -29.77 -8.04
N ASN D 164 1.54 -30.99 -7.65
CA ASN D 164 1.75 -31.36 -6.22
C ASN D 164 2.92 -30.53 -5.68
N GLY D 165 3.92 -30.26 -6.52
CA GLY D 165 5.08 -29.42 -6.15
C GLY D 165 4.67 -27.97 -5.94
N ILE D 166 3.98 -27.38 -6.91
CA ILE D 166 3.54 -25.95 -6.82
C ILE D 166 2.64 -25.83 -5.59
N ASN D 167 1.83 -26.85 -5.31
CA ASN D 167 0.85 -26.78 -4.19
C ASN D 167 1.61 -26.64 -2.88
N PHE D 168 2.64 -27.45 -2.68
CA PHE D 168 3.44 -27.46 -1.44
C PHE D 168 4.05 -26.06 -1.26
N LEU D 169 4.61 -25.49 -2.34
CA LEU D 169 5.25 -24.15 -2.33
C LEU D 169 4.22 -23.08 -1.96
N HIS D 170 2.99 -23.19 -2.48
CA HIS D 170 1.89 -22.21 -2.23
C HIS D 170 1.33 -22.42 -0.82
N GLU D 171 1.21 -23.69 -0.38
CA GLU D 171 0.74 -24.03 0.98
C GLU D 171 1.73 -23.44 2.00
N ASN D 172 3.03 -23.53 1.70
CA ASN D 172 4.14 -23.04 2.55
C ASN D 172 4.50 -21.61 2.12
N HIS D 173 3.52 -20.89 1.57
CA HIS D 173 3.54 -19.42 1.38
C HIS D 173 4.78 -18.98 0.61
N HIS D 174 5.06 -19.62 -0.53
CA HIS D 174 6.16 -19.29 -1.47
C HIS D 174 5.60 -19.12 -2.88
N ILE D 175 6.11 -18.16 -3.64
CA ILE D 175 5.81 -17.94 -5.08
C ILE D 175 7.10 -18.23 -5.84
N HIS D 176 7.07 -19.20 -6.75
CA HIS D 176 8.26 -19.65 -7.50
C HIS D 176 8.78 -18.48 -8.33
N ARG D 177 7.92 -17.96 -9.21
CA ARG D 177 8.19 -16.82 -10.14
C ARG D 177 9.02 -17.29 -11.36
N ASP D 178 9.24 -18.58 -11.57
CA ASP D 178 9.89 -19.08 -12.82
C ASP D 178 9.48 -20.55 -13.10
N ILE D 179 8.20 -20.88 -12.90
CA ILE D 179 7.57 -22.12 -13.41
C ILE D 179 7.72 -22.13 -14.93
N LYS D 180 8.45 -23.12 -15.42
CA LYS D 180 8.63 -23.42 -16.86
C LYS D 180 9.21 -24.84 -16.95
N SER D 181 9.06 -25.51 -18.10
CA SER D 181 9.52 -26.89 -18.32
C SER D 181 11.02 -27.00 -18.08
N ALA D 182 11.81 -25.92 -18.29
CA ALA D 182 13.27 -25.95 -18.04
C ALA D 182 13.53 -26.18 -16.53
N ASN D 183 12.57 -25.86 -15.65
CA ASN D 183 12.72 -25.92 -14.17
C ASN D 183 11.91 -27.05 -13.54
N ILE D 184 11.23 -27.89 -14.33
CA ILE D 184 10.67 -29.18 -13.81
C ILE D 184 11.61 -30.33 -14.20
N LEU D 185 12.40 -30.82 -13.23
CA LEU D 185 13.40 -31.90 -13.46
C LEU D 185 12.71 -33.23 -13.21
N LEU D 186 13.32 -34.30 -13.72
CA LEU D 186 12.72 -35.65 -13.75
C LEU D 186 13.72 -36.67 -13.21
N ASP D 187 13.31 -37.41 -12.17
CA ASP D 187 14.24 -38.28 -11.42
C ASP D 187 14.29 -39.63 -12.13
N GLU D 188 14.86 -40.63 -11.47
CA GLU D 188 15.08 -42.00 -11.99
C GLU D 188 13.76 -42.65 -12.40
N ALA D 189 12.64 -42.26 -11.79
CA ALA D 189 11.28 -42.84 -11.99
C ALA D 189 10.37 -41.83 -12.68
N PHE D 190 10.97 -40.83 -13.32
CA PHE D 190 10.27 -39.75 -14.06
C PHE D 190 9.31 -38.97 -13.17
N THR D 191 9.55 -38.96 -11.86
CA THR D 191 8.86 -38.07 -10.89
C THR D 191 9.21 -36.61 -11.21
N ALA D 192 8.21 -35.73 -11.33
CA ALA D 192 8.39 -34.28 -11.55
C ALA D 192 8.91 -33.61 -10.27
N LYS D 193 9.98 -32.82 -10.40
CA LYS D 193 10.62 -32.09 -9.28
C LYS D 193 10.77 -30.63 -9.72
N ILE D 194 10.04 -29.72 -9.09
CA ILE D 194 10.24 -28.25 -9.29
C ILE D 194 11.64 -27.90 -8.75
N SER D 195 12.37 -27.01 -9.42
CA SER D 195 13.74 -26.58 -9.06
C SER D 195 13.88 -25.08 -9.29
N ASP D 196 14.98 -24.48 -8.82
CA ASP D 196 15.38 -23.06 -9.02
C ASP D 196 14.46 -22.13 -8.23
N PHE D 197 14.80 -21.91 -6.96
CA PHE D 197 14.06 -21.06 -6.00
C PHE D 197 14.82 -19.76 -5.73
N GLY D 198 15.76 -19.39 -6.61
CA GLY D 198 16.62 -18.20 -6.47
C GLY D 198 15.81 -16.91 -6.48
N LEU D 199 14.69 -16.90 -7.19
CA LEU D 199 13.79 -15.73 -7.31
C LEU D 199 12.55 -15.91 -6.43
N ALA D 200 12.31 -17.11 -5.89
CA ALA D 200 11.12 -17.41 -5.08
C ALA D 200 10.90 -16.30 -4.04
N ARG D 201 9.66 -15.81 -3.92
CA ARG D 201 9.23 -14.83 -2.88
C ARG D 201 8.34 -15.53 -1.86
N ALA D 202 8.77 -15.54 -0.59
CA ALA D 202 7.93 -15.86 0.58
C ALA D 202 6.95 -14.70 0.78
N SER D 203 5.63 -14.98 0.69
CA SER D 203 4.54 -13.97 0.84
C SER D 203 3.37 -14.57 1.63
N TPO D 209 -1.37 -8.63 -2.50
CA TPO D 209 -0.55 -8.61 -3.75
CB TPO D 209 -1.42 -8.48 -5.00
CG2 TPO D 209 -0.74 -7.84 -6.18
OG1 TPO D 209 -1.78 -9.82 -5.41
P TPO D 209 -3.34 -10.18 -5.58
O1P TPO D 209 -3.41 -11.67 -5.91
O2P TPO D 209 -3.96 -9.85 -4.24
O3P TPO D 209 -3.85 -9.29 -6.70
C TPO D 209 0.47 -7.48 -3.67
O TPO D 209 0.12 -6.31 -3.77
N VAL D 210 1.74 -7.86 -3.51
CA VAL D 210 2.87 -6.94 -3.57
C VAL D 210 3.02 -6.47 -5.02
N MET D 211 3.87 -5.48 -5.28
CA MET D 211 4.37 -5.15 -6.64
C MET D 211 5.87 -4.91 -6.55
N TPO D 212 6.56 -4.86 -7.69
CA TPO D 212 8.02 -4.77 -7.70
CB TPO D 212 8.68 -6.16 -7.81
CG2 TPO D 212 8.41 -6.85 -9.12
OG1 TPO D 212 10.13 -5.99 -7.66
P TPO D 212 10.82 -6.05 -6.21
O1P TPO D 212 9.98 -7.01 -5.37
O2P TPO D 212 10.76 -4.62 -5.70
O3P TPO D 212 12.25 -6.54 -6.40
C TPO D 212 8.51 -3.91 -8.86
O TPO D 212 7.80 -3.72 -9.84
N SEP D 213 9.75 -3.44 -8.72
CA SEP D 213 10.39 -2.64 -9.75
CB SEP D 213 11.08 -1.46 -9.12
OG SEP D 213 12.20 -1.96 -8.38
C SEP D 213 11.32 -3.51 -10.59
O SEP D 213 11.47 -3.27 -11.79
P SEP D 213 12.68 -1.13 -7.09
O1P SEP D 213 11.60 -0.10 -6.80
O2P SEP D 213 12.82 -2.19 -5.99
O3P SEP D 213 13.99 -0.50 -7.52
N ARG D 214 11.96 -4.50 -9.96
CA ARG D 214 12.75 -5.47 -10.71
C ARG D 214 11.81 -6.61 -11.15
N ILE D 215 11.39 -6.63 -12.41
CA ILE D 215 10.48 -7.67 -12.98
C ILE D 215 11.34 -8.84 -13.47
N VAL D 216 11.05 -10.06 -13.00
CA VAL D 216 11.81 -11.31 -13.33
C VAL D 216 10.85 -12.45 -13.70
N GLY D 217 11.36 -13.38 -14.51
CA GLY D 217 10.62 -14.52 -15.09
C GLY D 217 11.05 -14.74 -16.53
N THR D 218 10.53 -15.78 -17.17
CA THR D 218 10.77 -16.07 -18.61
C THR D 218 9.50 -15.64 -19.38
N THR D 219 9.64 -14.59 -20.18
CA THR D 219 8.53 -13.89 -20.88
C THR D 219 7.52 -14.90 -21.41
N ALA D 220 8.00 -15.92 -22.14
CA ALA D 220 7.14 -16.86 -22.90
C ALA D 220 6.12 -17.55 -21.97
N TYR D 221 6.45 -17.64 -20.67
CA TYR D 221 5.66 -18.30 -19.59
C TYR D 221 4.90 -17.30 -18.71
N MET D 222 5.41 -16.08 -18.52
CA MET D 222 4.90 -15.08 -17.54
C MET D 222 3.48 -14.64 -17.89
N ALA D 223 2.66 -14.44 -16.87
CA ALA D 223 1.28 -13.88 -16.95
C ALA D 223 1.33 -12.38 -17.19
N PRO D 224 0.20 -11.77 -17.64
CA PRO D 224 0.12 -10.31 -17.82
C PRO D 224 0.63 -9.55 -16.59
N GLU D 225 0.04 -9.81 -15.42
CA GLU D 225 0.27 -9.00 -14.19
C GLU D 225 1.73 -9.15 -13.74
N ALA D 226 2.34 -10.33 -13.94
CA ALA D 226 3.75 -10.56 -13.56
C ALA D 226 4.65 -9.67 -14.40
N LEU D 227 4.32 -9.52 -15.69
CA LEU D 227 5.06 -8.70 -16.68
C LEU D 227 4.92 -7.21 -16.38
N ARG D 228 3.87 -6.81 -15.65
CA ARG D 228 3.66 -5.40 -15.22
C ARG D 228 4.22 -5.19 -13.81
N GLY D 229 4.69 -6.28 -13.15
CA GLY D 229 5.46 -6.19 -11.90
C GLY D 229 4.66 -6.61 -10.69
N GLU D 230 3.38 -6.97 -10.84
CA GLU D 230 2.64 -7.62 -9.72
C GLU D 230 3.37 -8.91 -9.36
N ILE D 231 3.34 -9.28 -8.08
CA ILE D 231 3.86 -10.58 -7.53
C ILE D 231 2.71 -11.29 -6.81
N THR D 232 2.29 -12.46 -7.29
CA THR D 232 1.13 -13.22 -6.76
C THR D 232 1.25 -14.69 -7.17
N PRO D 233 0.89 -15.65 -6.30
CA PRO D 233 0.95 -17.08 -6.64
C PRO D 233 0.15 -17.39 -7.92
N LYS D 234 -0.83 -16.54 -8.23
CA LYS D 234 -1.74 -16.70 -9.40
C LYS D 234 -0.97 -16.61 -10.72
N SER D 235 0.20 -15.94 -10.73
CA SER D 235 1.17 -15.93 -11.85
C SER D 235 1.80 -17.32 -12.06
N ASP D 236 2.22 -17.96 -10.97
CA ASP D 236 2.73 -19.35 -10.97
C ASP D 236 1.70 -20.20 -11.71
N ILE D 237 0.40 -20.03 -11.44
CA ILE D 237 -0.71 -20.85 -12.04
C ILE D 237 -0.72 -20.66 -13.57
N TYR D 238 -0.68 -19.41 -14.04
CA TYR D 238 -0.64 -19.09 -15.50
C TYR D 238 0.52 -19.86 -16.12
N SER D 239 1.73 -19.64 -15.59
CA SER D 239 2.98 -20.28 -16.04
C SER D 239 2.81 -21.81 -16.13
N PHE D 240 2.19 -22.42 -15.12
CA PHE D 240 1.91 -23.88 -15.15
C PHE D 240 1.12 -24.25 -16.40
N GLY D 241 0.07 -23.50 -16.74
CA GLY D 241 -0.77 -23.74 -17.93
C GLY D 241 0.05 -23.83 -19.21
N VAL D 242 1.01 -22.92 -19.39
CA VAL D 242 2.01 -22.98 -20.50
C VAL D 242 2.70 -24.35 -20.44
N VAL D 243 3.15 -24.76 -19.26
CA VAL D 243 3.86 -26.06 -19.09
C VAL D 243 2.93 -27.24 -19.43
N LEU D 244 1.63 -27.15 -19.12
CA LEU D 244 0.63 -28.18 -19.53
C LEU D 244 0.50 -28.21 -21.06
N LEU D 245 0.57 -27.06 -21.71
CA LEU D 245 0.51 -27.01 -23.19
C LEU D 245 1.79 -27.64 -23.74
N GLU D 246 2.96 -27.32 -23.17
CA GLU D 246 4.26 -27.92 -23.55
C GLU D 246 4.13 -29.45 -23.46
N ILE D 247 3.57 -29.93 -22.35
CA ILE D 247 3.36 -31.40 -22.09
C ILE D 247 2.49 -31.97 -23.21
N ILE D 248 1.36 -31.30 -23.53
CA ILE D 248 0.32 -31.82 -24.46
C ILE D 248 0.83 -31.85 -25.92
N THR D 249 1.72 -30.91 -26.31
CA THR D 249 2.09 -30.61 -27.71
C THR D 249 3.54 -31.02 -27.99
N GLY D 250 4.41 -31.00 -26.99
CA GLY D 250 5.86 -31.23 -27.22
C GLY D 250 6.53 -30.02 -27.83
N LEU D 251 5.77 -28.93 -27.96
CA LEU D 251 6.24 -27.64 -28.52
C LEU D 251 6.87 -26.84 -27.39
N PRO D 252 8.02 -26.18 -27.60
CA PRO D 252 8.57 -25.25 -26.62
C PRO D 252 7.73 -23.96 -26.62
N ALA D 253 7.69 -23.24 -25.48
CA ALA D 253 6.76 -22.12 -25.20
C ALA D 253 6.95 -20.97 -26.20
N VAL D 254 8.21 -20.69 -26.55
CA VAL D 254 8.57 -19.76 -27.66
C VAL D 254 9.35 -20.54 -28.72
N ASP D 255 9.18 -20.16 -29.99
CA ASP D 255 9.96 -20.59 -31.17
C ASP D 255 9.92 -19.48 -32.23
N GLU D 256 11.05 -18.83 -32.53
CA GLU D 256 11.03 -17.66 -33.44
C GLU D 256 10.52 -18.14 -34.81
N HIS D 257 10.94 -19.33 -35.26
CA HIS D 257 10.68 -19.83 -36.64
C HIS D 257 9.35 -20.59 -36.72
N ARG D 258 8.40 -20.30 -35.82
CA ARG D 258 7.06 -20.96 -35.81
C ARG D 258 5.96 -19.91 -35.75
N GLU D 259 4.79 -20.24 -36.30
CA GLU D 259 3.55 -19.43 -36.15
C GLU D 259 2.47 -20.32 -35.53
N PRO D 260 1.94 -19.97 -34.33
CA PRO D 260 2.39 -18.80 -33.56
C PRO D 260 3.74 -19.00 -32.87
N GLN D 261 4.51 -17.93 -32.65
CA GLN D 261 5.80 -17.99 -31.92
C GLN D 261 5.54 -18.38 -30.46
N LEU D 262 4.50 -17.81 -29.85
CA LEU D 262 4.17 -18.09 -28.44
C LEU D 262 3.10 -19.18 -28.33
N LEU D 263 3.44 -20.26 -27.65
CA LEU D 263 2.53 -21.43 -27.51
C LEU D 263 1.19 -20.95 -26.96
N LEU D 264 1.21 -20.08 -25.93
CA LEU D 264 0.05 -19.33 -25.38
C LEU D 264 -0.99 -19.06 -26.48
N ASP D 265 -0.54 -18.46 -27.59
CA ASP D 265 -1.41 -17.96 -28.68
C ASP D 265 -2.29 -19.12 -29.18
N ILE D 266 -1.82 -20.36 -29.13
CA ILE D 266 -2.58 -21.52 -29.66
C ILE D 266 -3.88 -21.68 -28.86
N LYS D 267 -3.89 -21.27 -27.60
CA LYS D 267 -5.13 -21.20 -26.79
C LYS D 267 -6.19 -20.43 -27.59
N GLU D 268 -5.82 -19.27 -28.12
CA GLU D 268 -6.74 -18.32 -28.80
C GLU D 268 -7.20 -18.92 -30.14
N GLU D 269 -6.29 -19.60 -30.86
CA GLU D 269 -6.65 -20.34 -32.11
C GLU D 269 -7.73 -21.38 -31.79
N ILE D 270 -7.62 -22.03 -30.62
CA ILE D 270 -8.50 -23.17 -30.23
C ILE D 270 -9.84 -22.67 -29.71
N GLU D 271 -9.81 -21.61 -28.90
CA GLU D 271 -11.04 -21.00 -28.30
C GLU D 271 -11.87 -20.37 -29.43
N ASP D 272 -11.22 -19.86 -30.49
CA ASP D 272 -11.87 -19.33 -31.71
C ASP D 272 -12.10 -20.45 -32.74
N GLU D 273 -12.11 -21.71 -32.28
CA GLU D 273 -12.56 -22.91 -33.06
C GLU D 273 -12.01 -22.89 -34.49
N GLU D 274 -10.83 -22.27 -34.71
CA GLU D 274 -10.06 -22.36 -35.97
C GLU D 274 -9.35 -23.72 -36.02
N LYS D 275 -9.06 -24.28 -34.85
CA LYS D 275 -8.28 -25.54 -34.66
C LYS D 275 -8.80 -26.21 -33.38
N THR D 276 -8.69 -27.55 -33.27
CA THR D 276 -8.92 -28.27 -31.99
C THR D 276 -7.56 -28.61 -31.36
N ILE D 277 -7.58 -29.05 -30.09
CA ILE D 277 -6.36 -29.54 -29.39
C ILE D 277 -5.82 -30.76 -30.15
N GLU D 278 -6.70 -31.56 -30.74
CA GLU D 278 -6.36 -32.76 -31.56
C GLU D 278 -5.29 -32.36 -32.59
N ASP D 279 -5.44 -31.21 -33.23
CA ASP D 279 -4.52 -30.72 -34.30
C ASP D 279 -3.14 -30.35 -33.73
N TYR D 280 -2.97 -30.29 -32.40
CA TYR D 280 -1.72 -29.82 -31.73
C TYR D 280 -1.13 -30.91 -30.83
N ILE D 281 -1.88 -31.94 -30.42
CA ILE D 281 -1.38 -33.07 -29.57
C ILE D 281 -0.02 -33.50 -30.12
N ASP D 282 0.97 -33.72 -29.26
CA ASP D 282 2.30 -34.29 -29.63
C ASP D 282 2.05 -35.62 -30.37
N LYS D 283 2.55 -35.73 -31.60
CA LYS D 283 2.42 -36.95 -32.44
C LYS D 283 3.37 -38.04 -31.93
N LYS D 284 4.34 -37.71 -31.07
CA LYS D 284 5.37 -38.68 -30.57
C LYS D 284 4.86 -39.45 -29.34
N MET D 285 3.57 -39.79 -29.31
CA MET D 285 2.87 -40.56 -28.24
C MET D 285 1.94 -41.58 -28.92
N ASN D 286 1.91 -42.82 -28.48
CA ASN D 286 0.98 -43.84 -29.07
C ASN D 286 -0.25 -44.03 -28.16
N ASP D 287 -0.25 -43.46 -26.95
CA ASP D 287 -1.14 -43.89 -25.82
C ASP D 287 -2.00 -42.73 -25.28
N ALA D 288 -2.14 -41.63 -26.03
CA ALA D 288 -2.99 -40.48 -25.65
C ALA D 288 -4.41 -40.71 -26.18
N ASP D 289 -5.43 -40.55 -25.35
CA ASP D 289 -6.86 -40.61 -25.80
C ASP D 289 -7.44 -39.20 -25.70
N SER D 290 -8.47 -38.91 -26.49
CA SER D 290 -9.11 -37.56 -26.58
C SER D 290 -9.55 -37.08 -25.19
N THR D 291 -10.16 -37.92 -24.37
CA THR D 291 -10.84 -37.49 -23.11
C THR D 291 -9.82 -36.85 -22.16
N SER D 292 -8.69 -37.51 -21.86
CA SER D 292 -7.69 -37.07 -20.85
C SER D 292 -6.85 -35.90 -21.39
N VAL D 293 -6.62 -35.84 -22.69
CA VAL D 293 -5.90 -34.69 -23.34
C VAL D 293 -6.76 -33.43 -23.26
N GLU D 294 -8.07 -33.56 -23.48
CA GLU D 294 -9.06 -32.45 -23.39
C GLU D 294 -9.20 -32.05 -21.92
N ALA D 295 -9.33 -33.03 -21.03
CA ALA D 295 -9.27 -32.84 -19.56
C ALA D 295 -8.05 -31.98 -19.21
N MET D 296 -6.85 -32.35 -19.65
CA MET D 296 -5.61 -31.61 -19.31
C MET D 296 -5.65 -30.24 -19.97
N TYR D 297 -6.11 -30.17 -21.21
CA TYR D 297 -6.17 -28.89 -21.96
C TYR D 297 -7.12 -27.92 -21.23
N SER D 298 -8.27 -28.43 -20.73
CA SER D 298 -9.27 -27.63 -19.97
C SER D 298 -8.60 -27.01 -18.73
N VAL D 299 -7.72 -27.75 -18.07
CA VAL D 299 -6.95 -27.22 -16.90
C VAL D 299 -6.02 -26.12 -17.41
N ALA D 300 -5.24 -26.40 -18.47
CA ALA D 300 -4.25 -25.48 -19.08
C ALA D 300 -4.95 -24.16 -19.44
N SER D 301 -6.15 -24.26 -20.02
CA SER D 301 -6.97 -23.11 -20.47
C SER D 301 -7.50 -22.33 -19.26
N GLN D 302 -8.04 -23.04 -18.26
CA GLN D 302 -8.46 -22.44 -16.98
C GLN D 302 -7.26 -21.73 -16.36
N CYS D 303 -6.10 -22.40 -16.29
CA CYS D 303 -4.83 -21.88 -15.72
C CYS D 303 -4.40 -20.59 -16.41
N LEU D 304 -4.82 -20.40 -17.68
CA LEU D 304 -4.26 -19.37 -18.61
C LEU D 304 -5.24 -18.20 -18.83
N HIS D 305 -6.34 -18.11 -18.07
CA HIS D 305 -7.23 -16.92 -18.04
C HIS D 305 -6.37 -15.67 -17.82
N GLU D 306 -6.69 -14.58 -18.49
CA GLU D 306 -5.84 -13.36 -18.52
C GLU D 306 -6.11 -12.56 -17.23
N LYS D 307 -7.32 -12.71 -16.68
CA LYS D 307 -7.78 -12.11 -15.40
C LYS D 307 -7.35 -13.00 -14.22
N LYS D 308 -6.27 -12.64 -13.53
CA LYS D 308 -5.64 -13.49 -12.48
C LYS D 308 -6.70 -14.04 -11.51
N ASN D 309 -7.79 -13.30 -11.26
CA ASN D 309 -8.81 -13.66 -10.24
C ASN D 309 -9.74 -14.76 -10.77
N LYS D 310 -9.75 -15.04 -12.08
CA LYS D 310 -10.62 -16.06 -12.72
C LYS D 310 -9.88 -17.39 -12.81
N ARG D 311 -8.55 -17.38 -12.65
CA ARG D 311 -7.70 -18.60 -12.67
C ARG D 311 -8.02 -19.44 -11.45
N PRO D 312 -7.88 -20.78 -11.55
CA PRO D 312 -8.05 -21.67 -10.39
C PRO D 312 -6.80 -21.58 -9.51
N ASP D 313 -6.96 -21.83 -8.21
CA ASP D 313 -5.83 -21.94 -7.24
C ASP D 313 -5.22 -23.33 -7.43
N ILE D 314 -3.94 -23.52 -7.09
CA ILE D 314 -3.20 -24.79 -7.36
C ILE D 314 -4.02 -25.96 -6.79
N LYS D 315 -4.72 -25.75 -5.68
CA LYS D 315 -5.54 -26.80 -5.01
C LYS D 315 -6.58 -27.35 -5.98
N LYS D 316 -7.19 -26.49 -6.80
CA LYS D 316 -8.24 -26.91 -7.78
C LYS D 316 -7.55 -27.62 -8.97
N VAL D 317 -6.36 -27.15 -9.34
CA VAL D 317 -5.53 -27.74 -10.44
C VAL D 317 -5.22 -29.20 -10.08
N GLN D 318 -4.76 -29.43 -8.86
CA GLN D 318 -4.56 -30.79 -8.30
C GLN D 318 -5.85 -31.59 -8.49
N GLN D 319 -6.96 -31.16 -7.88
CA GLN D 319 -8.26 -31.86 -7.92
C GLN D 319 -8.55 -32.31 -9.36
N LEU D 320 -8.30 -31.45 -10.35
CA LEU D 320 -8.70 -31.65 -11.77
C LEU D 320 -7.74 -32.62 -12.49
N LEU D 321 -6.43 -32.47 -12.25
CA LEU D 321 -5.36 -33.34 -12.81
C LEU D 321 -5.46 -34.74 -12.20
N GLN D 322 -5.84 -34.85 -10.92
CA GLN D 322 -6.06 -36.15 -10.25
C GLN D 322 -7.38 -36.72 -10.79
N GLU D 323 -8.44 -35.91 -10.97
CA GLU D 323 -9.74 -36.35 -11.55
C GLU D 323 -9.57 -36.87 -12.99
N MET D 324 -8.52 -36.43 -13.70
CA MET D 324 -8.30 -36.64 -15.16
C MET D 324 -7.81 -38.07 -15.43
N THR D 325 -7.20 -38.74 -14.45
CA THR D 325 -6.77 -40.17 -14.53
C THR D 325 -7.65 -41.02 -13.61
N ALA D 326 -8.93 -40.66 -13.45
CA ALA D 326 -9.96 -41.36 -12.64
C ALA D 326 -9.31 -42.31 -11.62
N3 Y9T E . 7.43 18.99 -27.36
C4 Y9T E . 6.73 20.09 -27.66
C5 Y9T E . 6.31 20.32 -28.97
C6 Y9T E . 6.60 19.39 -29.94
C7 Y9T E . 8.57 16.88 -27.90
C15 Y9T E . 6.34 20.47 -22.98
C17 Y9T E . 5.51 22.13 -21.53
C22 Y9T E . 4.68 24.13 -22.22
C24 Y9T E . 2.70 25.39 -20.20
C26 Y9T E . 0.63 26.06 -19.08
C1 Y9T E . 7.33 18.27 -29.59
C2 Y9T E . 7.73 18.09 -28.28
F8 Y9T E . 9.80 17.41 -27.49
F9 Y9T E . 8.05 16.10 -26.85
F10 Y9T E . 8.81 16.09 -29.02
C11 Y9T E . 6.43 21.08 -26.61
O12 Y9T E . 6.30 22.26 -26.88
N13 Y9T E . 6.38 20.61 -25.36
C14 Y9T E . 6.10 21.24 -24.13
C16 Y9T E . 6.05 20.88 -21.74
C18 Y9T E . 5.23 22.96 -22.72
C19 Y9T E . 5.54 22.46 -24.01
N20 Y9T E . 5.14 22.79 -20.45
N21 Y9T E . 4.62 24.01 -20.88
C23 Y9T E . 4.16 25.04 -19.96
C25 Y9T E . 2.17 26.11 -18.95
C27 Y9T E . 2.72 27.54 -18.91
O28 Y9T E . 2.64 25.47 -17.72
C29 Y9T E . 6.93 19.10 -23.07
C30 Y9T E . 5.87 18.05 -23.41
C31 Y9T E . 8.17 19.01 -23.96
O32 Y9T E . 7.49 18.86 -21.79
C1 GOL F . -0.60 20.75 -37.75
O1 GOL F . -1.48 21.86 -37.63
C2 GOL F . 0.11 20.77 -39.08
O2 GOL F . -0.82 21.09 -40.11
C3 GOL F . 0.80 19.48 -39.43
O3 GOL F . 1.84 19.72 -40.38
C1 GOL G . -10.36 17.49 -34.24
O1 GOL G . -9.60 16.48 -34.90
C2 GOL G . -10.11 17.51 -32.75
O2 GOL G . -11.29 17.94 -32.05
C3 GOL G . -8.92 18.36 -32.32
O3 GOL G . -9.14 19.75 -32.56
S SO4 H . 21.83 29.41 -15.61
O1 SO4 H . 21.76 29.69 -17.03
O2 SO4 H . 20.95 28.32 -15.31
O3 SO4 H . 23.17 29.06 -15.26
O4 SO4 H . 21.43 30.58 -14.88
N3 Y9T I . -20.04 26.49 6.27
C4 Y9T I . -20.06 27.64 5.59
C5 Y9T I . -20.16 28.84 6.26
C6 Y9T I . -20.22 28.81 7.66
C7 Y9T I . -20.12 25.16 8.31
C15 Y9T I . -18.94 24.85 2.05
C17 Y9T I . -18.81 25.16 -0.31
C22 Y9T I . -19.19 27.11 -1.35
C24 Y9T I . -17.27 26.82 -4.05
C26 Y9T I . -15.59 27.47 -5.77
C1 Y9T I . -20.20 27.61 8.34
C2 Y9T I . -20.12 26.46 7.60
F8 Y9T I . -21.46 24.72 8.30
F9 Y9T I . -19.25 24.30 7.59
F10 Y9T I . -19.72 25.34 9.65
C11 Y9T I . -19.97 27.63 4.11
O12 Y9T I . -20.27 28.59 3.41
N13 Y9T I . -19.53 26.48 3.61
C14 Y9T I . -19.33 26.15 2.27
C16 Y9T I . -18.72 24.35 0.81
C18 Y9T I . -19.17 26.56 -0.09
C19 Y9T I . -19.43 27.02 1.22
N20 Y9T I . -18.61 24.95 -1.61
N21 Y9T I . -18.83 26.19 -2.25
C23 Y9T I . -18.72 26.38 -3.70
C25 Y9T I . -16.95 26.82 -5.58
C27 Y9T I . -17.94 27.63 -6.42
O28 Y9T I . -16.87 25.47 -6.08
C29 Y9T I . -18.81 23.84 3.15
C30 Y9T I . -18.17 24.16 4.50
C31 Y9T I . -20.21 23.38 3.43
O32 Y9T I . -18.03 22.82 2.55
N3 Y9T J . -7.12 -16.30 33.00
C4 Y9T J . -6.45 -17.22 33.74
C5 Y9T J . -5.66 -18.18 33.09
C6 Y9T J . -5.61 -18.16 31.69
C7 Y9T J . -7.89 -15.23 30.98
C15 Y9T J . -7.29 -14.08 37.28
C17 Y9T J . -7.20 -14.26 39.65
C22 Y9T J . -6.58 -16.11 40.75
C24 Y9T J . -5.22 -15.33 43.46
C26 Y9T J . -3.45 -14.90 45.13
C1 Y9T J . -6.32 -17.19 30.99
C2 Y9T J . -7.07 -16.26 31.69
F8 Y9T J . -9.18 -15.47 31.41
F9 Y9T J . -7.62 -13.90 31.32
F10 Y9T J . -7.77 -15.45 29.59
C11 Y9T J . -6.53 -17.16 35.23
O12 Y9T J . -6.37 -18.17 35.87
N13 Y9T J . -6.77 -15.92 35.76
C14 Y9T J . -6.90 -15.44 37.08
C16 Y9T J . -7.46 -13.54 38.51
C18 Y9T J . -6.78 -15.65 39.46
C19 Y9T J . -6.65 -16.20 38.16
N20 Y9T J . -7.23 -13.97 40.95
N21 Y9T J . -6.81 -15.11 41.63
C23 Y9T J . -6.70 -15.24 43.08
C25 Y9T J . -4.96 -15.06 44.94
C27 Y9T J . -5.37 -16.27 45.78
O28 Y9T J . -5.65 -13.89 45.42
C29 Y9T J . -7.61 -13.04 36.21
C30 Y9T J . -7.20 -13.33 34.77
C31 Y9T J . -9.13 -12.86 36.25
O32 Y9T J . -6.90 -11.82 36.55
N3 Y9T K . 19.72 -29.85 -11.21
C4 Y9T K . 19.63 -31.17 -10.96
C5 Y9T K . 19.16 -31.57 -9.71
C6 Y9T K . 18.81 -30.57 -8.78
C7 Y9T K . 19.63 -27.48 -10.83
C15 Y9T K . 19.99 -31.31 -15.74
C17 Y9T K . 20.49 -33.26 -17.11
C22 Y9T K . 20.86 -35.34 -16.24
C24 Y9T K . 20.01 -37.31 -18.86
C26 Y9T K . 19.02 -38.96 -20.44
C1 Y9T K . 18.94 -29.21 -9.09
C2 Y9T K . 19.43 -28.90 -10.34
F8 Y9T K . 20.99 -27.09 -10.92
F9 Y9T K . 19.14 -27.47 -12.15
F10 Y9T K . 18.97 -26.63 -9.93
C11 Y9T K . 20.01 -32.07 -12.08
O12 Y9T K . 20.44 -33.22 -11.96
N13 Y9T K . 19.86 -31.48 -13.29
C14 Y9T K . 20.11 -32.08 -14.56
C16 Y9T K . 20.21 -31.90 -16.98
C18 Y9T K . 20.57 -34.05 -15.89
C19 Y9T K . 20.37 -33.43 -14.65
N20 Y9T K . 20.73 -34.10 -18.13
N21 Y9T K . 20.97 -35.39 -17.57
C23 Y9T K . 21.27 -36.62 -18.30
C25 Y9T K . 20.28 -38.08 -20.18
C27 Y9T K . 21.51 -38.99 -20.00
O28 Y9T K . 20.56 -37.15 -21.27
C29 Y9T K . 19.70 -29.80 -15.68
C30 Y9T K . 18.73 -29.27 -14.59
C31 Y9T K . 21.02 -29.12 -15.31
O32 Y9T K . 19.32 -29.32 -17.00
CL CL L . 4.92 -42.45 -26.31
#